data_5N9G
#
_entry.id   5N9G
#
_cell.length_a   81.190
_cell.length_b   124.080
_cell.length_c   88.610
_cell.angle_alpha   90.00
_cell.angle_beta   99.51
_cell.angle_gamma   90.00
#
_symmetry.space_group_name_H-M   'P 1 21 1'
#
loop_
_entity.id
_entity.type
_entity.pdbx_description
1 polymer 'Transcription factor IIIB 50 kDa subunit'
2 polymer 'TATA-box-binding protein'
3 polymer "Transcription factor TFIIIB component B'' homolog"
4 polymer 'DNA/RNA (27-MER)'
5 polymer 'DNA/RNA (25-MER)'
6 non-polymer 'SODIUM ION'
7 water water
#
loop_
_entity_poly.entity_id
_entity_poly.type
_entity_poly.pdbx_seq_one_letter_code
_entity_poly.pdbx_strand_id
1 'polypeptide(L)'
;MAHHHHHHSSGLEVLFQGPNEQVSRSQQRGLRRVRDLCRVLQLPPTFEDTAVAYYQQAYRHSGIRAARLQKKEVLVGCCV
LITCRQHNWPLTMGAICTLLYADLDVFSSTYMQIVKLLGLDVPSLCLAELVKTYCSSFKLFQASPSVPAKYVEDKEKMLS
RTMQLVELANETWLVTGRHPLPVITAATFLAWQSLQPADRLSCSLARFCKLANVDLPYPASSRLQELLAVLLRMAEQLAW
LRVLRLDKRSVVKHIGDLLQHRQSLVRSAFRDGTAEVETREKEPPGWGQGQGEGEVGNNSLGLPQGKRPASPALLLPPCM
LKSPKRICPVPPVSTVTGDENISDSEIEQYLRTPQEVRDFQRAQAARQAATSVPNPP
;
A,F
2 'polypeptide(L)'
;MAHHHHHHSSGLEVLFQGPSGIVPQLQNIVSTVNLGCKLDLKTIALRARNAEYNPKRFAAVIMRIREPRTTALIFSSGKM
VCTGAKSEEQSRLAARKYARVVQKLGFPAKFLDFKIQNMVGSCDVKFPIRLEGLVLTHQQFSSYEPELFPGLIYRMIKPR
IVLLIFVSGKVVLTGAKVRAEIYEAFENIYPILKGFRKTT
;
B,G
3 'polypeptide(L)'
;MAHHHHHHSSGLEVLFQGPGPLLVPRVKVAEDGSIILDEESLTVEVLRTKGPCVVEENDPIFERGSTTTYSSFRKNYYSK
PWSNKETDMFFLAISMVGTDFSMIGQLFPHRARIEIKNKFKREEKTNGWRIDKAFQEKRPFDFDFFAHLLQKVLAEEEKR
KQKSVKNHSLKEKKS
;
C,H
4 'polydeoxyribonucleotide/polyribonucleotide hybrid' (DG)(DG)(DT)(DC)(DA)(DC)(DA)CC(DT)A(DT)(DT)(DT)(DT)AAGCCC(DT)(DT)CAA(DC) D,I
5 'polydeoxyribonucleotide/polyribonucleotide hybrid' (DT)(DT)GAAGGGC(DT)(DT)AAAA(DT)AGG(DT)(DG)(DT)(DG)(DA)(DC) E,J
#
# COMPACT_ATOMS: atom_id res chain seq x y z
N VAL A 23 18.35 2.29 -20.87
CA VAL A 23 19.37 1.73 -21.75
C VAL A 23 18.75 0.61 -22.64
N SER A 24 17.68 -0.07 -22.14
CA SER A 24 16.96 -1.16 -22.81
C SER A 24 16.43 -0.72 -24.19
N ARG A 25 16.60 -1.57 -25.23
CA ARG A 25 16.12 -1.31 -26.60
C ARG A 25 14.61 -1.02 -26.63
N SER A 26 13.82 -1.76 -25.82
CA SER A 26 12.37 -1.59 -25.76
C SER A 26 11.98 -0.31 -24.99
N GLN A 27 12.87 0.15 -24.08
CA GLN A 27 12.66 1.36 -23.29
C GLN A 27 12.94 2.58 -24.15
N GLN A 28 14.07 2.56 -24.92
CA GLN A 28 14.48 3.61 -25.87
C GLN A 28 13.38 3.81 -26.91
N ARG A 29 12.83 2.69 -27.46
CA ARG A 29 11.74 2.67 -28.43
C ARG A 29 10.45 3.27 -27.83
N GLY A 30 10.17 2.93 -26.57
CA GLY A 30 9.03 3.41 -25.80
C GLY A 30 9.08 4.90 -25.54
N LEU A 31 10.26 5.40 -25.07
CA LEU A 31 10.50 6.83 -24.81
C LEU A 31 10.41 7.64 -26.09
N ARG A 32 10.83 7.07 -27.24
CA ARG A 32 10.71 7.71 -28.54
C ARG A 32 9.24 7.82 -28.91
N ARG A 33 8.45 6.74 -28.65
CA ARG A 33 7.01 6.71 -28.94
C ARG A 33 6.25 7.71 -28.07
N VAL A 34 6.67 7.90 -26.79
CA VAL A 34 6.09 8.86 -25.84
C VAL A 34 6.24 10.27 -26.41
N ARG A 35 7.46 10.64 -26.87
CA ARG A 35 7.78 11.94 -27.45
C ARG A 35 7.02 12.17 -28.77
N ASP A 36 6.90 11.12 -29.62
CA ASP A 36 6.16 11.21 -30.89
C ASP A 36 4.68 11.42 -30.64
N LEU A 37 4.10 10.77 -29.62
CA LEU A 37 2.69 10.94 -29.29
C LEU A 37 2.39 12.37 -28.82
N CYS A 38 3.26 12.95 -27.97
CA CYS A 38 3.15 14.31 -27.47
C CYS A 38 3.20 15.31 -28.62
N ARG A 39 4.08 15.07 -29.62
CA ARG A 39 4.24 15.96 -30.78
C ARG A 39 3.03 15.88 -31.72
N VAL A 40 2.46 14.68 -31.89
CA VAL A 40 1.28 14.43 -32.72
C VAL A 40 0.06 15.11 -32.08
N LEU A 41 -0.04 15.06 -30.74
CA LEU A 41 -1.13 15.67 -29.97
C LEU A 41 -0.96 17.19 -29.80
N GLN A 42 0.20 17.75 -30.22
CA GLN A 42 0.57 19.18 -30.16
C GLN A 42 0.48 19.72 -28.72
N LEU A 43 0.94 18.89 -27.76
CA LEU A 43 0.94 19.22 -26.33
C LEU A 43 1.99 20.28 -26.00
N PRO A 44 1.84 21.07 -24.91
CA PRO A 44 2.89 22.04 -24.54
C PRO A 44 4.24 21.35 -24.30
N PRO A 45 5.39 22.05 -24.44
CA PRO A 45 6.71 21.39 -24.32
C PRO A 45 7.02 20.69 -22.99
N THR A 46 6.44 21.16 -21.86
CA THR A 46 6.67 20.60 -20.52
C THR A 46 6.06 19.20 -20.32
N PHE A 47 5.01 18.87 -21.09
CA PHE A 47 4.29 17.60 -20.99
C PHE A 47 5.12 16.38 -21.38
N GLU A 48 5.93 16.49 -22.45
CA GLU A 48 6.80 15.42 -22.98
C GLU A 48 7.74 14.85 -21.89
N ASP A 49 8.43 15.73 -21.15
CA ASP A 49 9.36 15.41 -20.06
C ASP A 49 8.68 14.68 -18.88
N THR A 50 7.50 15.15 -18.43
CA THR A 50 6.72 14.52 -17.36
C THR A 50 6.27 13.10 -17.75
N ALA A 51 5.75 12.93 -19.00
CA ALA A 51 5.29 11.66 -19.53
C ALA A 51 6.45 10.66 -19.72
N VAL A 52 7.63 11.14 -20.16
CA VAL A 52 8.85 10.34 -20.36
C VAL A 52 9.31 9.82 -18.99
N ALA A 53 9.25 10.67 -17.94
CA ALA A 53 9.61 10.33 -16.56
C ALA A 53 8.70 9.23 -15.99
N TYR A 54 7.41 9.27 -16.31
CA TYR A 54 6.46 8.25 -15.84
C TYR A 54 6.77 6.91 -16.50
N TYR A 55 7.13 6.93 -17.79
CA TYR A 55 7.45 5.73 -18.58
C TYR A 55 8.71 5.07 -18.04
N GLN A 56 9.71 5.89 -17.65
CA GLN A 56 10.98 5.45 -17.06
C GLN A 56 10.73 4.81 -15.70
N GLN A 57 9.91 5.48 -14.88
CA GLN A 57 9.51 5.01 -13.55
C GLN A 57 8.79 3.65 -13.68
N ALA A 58 7.86 3.54 -14.65
CA ALA A 58 7.09 2.33 -14.94
C ALA A 58 8.01 1.18 -15.23
N TYR A 59 9.03 1.44 -16.11
CA TYR A 59 10.03 0.47 -16.54
C TYR A 59 10.91 -0.07 -15.41
N ARG A 60 11.00 0.60 -14.25
CA ARG A 60 11.76 0.14 -13.07
C ARG A 60 11.07 -1.08 -12.41
N HIS A 61 9.78 -1.33 -12.71
CA HIS A 61 9.07 -2.50 -12.19
C HIS A 61 9.29 -3.68 -13.15
N SER A 62 9.74 -4.85 -12.64
CA SER A 62 10.04 -6.06 -13.42
C SER A 62 8.83 -6.54 -14.25
N GLY A 63 7.63 -6.37 -13.68
CA GLY A 63 6.36 -6.74 -14.31
C GLY A 63 6.06 -5.93 -15.54
N ILE A 64 6.60 -4.70 -15.62
CA ILE A 64 6.43 -3.82 -16.77
C ILE A 64 7.54 -4.13 -17.77
N ARG A 65 8.78 -4.33 -17.28
CA ARG A 65 9.93 -4.67 -18.12
C ARG A 65 9.69 -5.98 -18.90
N ALA A 66 9.07 -6.99 -18.28
CA ALA A 66 8.79 -8.28 -18.90
C ALA A 66 7.39 -8.33 -19.60
N ALA A 67 6.63 -7.19 -19.60
CA ALA A 67 5.30 -7.13 -20.23
C ALA A 67 5.39 -7.24 -21.74
N ARG A 68 4.26 -7.64 -22.38
CA ARG A 68 4.19 -7.79 -23.83
C ARG A 68 4.42 -6.46 -24.49
N LEU A 69 4.94 -6.45 -25.73
CA LEU A 69 5.19 -5.22 -26.47
C LEU A 69 3.87 -4.41 -26.64
N GLN A 70 2.70 -5.10 -26.69
CA GLN A 70 1.39 -4.45 -26.79
C GLN A 70 1.13 -3.64 -25.55
N LYS A 71 1.48 -4.17 -24.35
CA LYS A 71 1.28 -3.44 -23.08
C LYS A 71 2.23 -2.26 -23.05
N LYS A 72 3.45 -2.40 -23.57
CA LYS A 72 4.44 -1.33 -23.62
C LYS A 72 3.99 -0.24 -24.58
N GLU A 73 3.14 -0.59 -25.57
CA GLU A 73 2.55 0.38 -26.51
C GLU A 73 1.43 1.17 -25.82
N VAL A 74 0.51 0.49 -25.11
CA VAL A 74 -0.56 1.08 -24.32
C VAL A 74 0.05 1.96 -23.23
N LEU A 75 1.16 1.50 -22.56
CA LEU A 75 1.86 2.21 -21.48
C LEU A 75 2.30 3.61 -21.93
N VAL A 76 2.70 3.75 -23.21
CA VAL A 76 3.07 5.02 -23.83
C VAL A 76 1.88 5.97 -23.69
N GLY A 77 0.69 5.46 -23.97
CA GLY A 77 -0.55 6.22 -23.89
C GLY A 77 -1.00 6.54 -22.48
N CYS A 78 -0.80 5.60 -21.53
CA CYS A 78 -1.15 5.77 -20.13
C CYS A 78 -0.36 6.89 -19.53
N CYS A 79 0.96 6.94 -19.83
CA CYS A 79 1.89 7.96 -19.31
C CYS A 79 1.55 9.35 -19.85
N VAL A 80 1.16 9.46 -21.14
CA VAL A 80 0.76 10.72 -21.77
C VAL A 80 -0.62 11.16 -21.23
N LEU A 81 -1.57 10.22 -21.06
CA LEU A 81 -2.90 10.53 -20.53
C LEU A 81 -2.80 11.05 -19.09
N ILE A 82 -2.01 10.35 -18.22
CA ILE A 82 -1.83 10.77 -16.83
C ILE A 82 -1.28 12.20 -16.82
N THR A 83 -0.26 12.52 -17.65
CA THR A 83 0.34 13.86 -17.75
C THR A 83 -0.72 14.88 -18.12
N CYS A 84 -1.56 14.58 -19.12
CA CYS A 84 -2.63 15.47 -19.60
C CYS A 84 -3.68 15.71 -18.51
N ARG A 85 -4.07 14.65 -17.79
CA ARG A 85 -5.03 14.76 -16.69
C ARG A 85 -4.53 15.66 -15.57
N GLN A 86 -3.22 15.59 -15.25
CA GLN A 86 -2.65 16.41 -14.19
C GLN A 86 -2.60 17.89 -14.60
N HIS A 87 -2.57 18.20 -15.92
CA HIS A 87 -2.57 19.60 -16.41
C HIS A 87 -3.94 20.03 -16.96
N ASN A 88 -4.98 19.25 -16.67
CA ASN A 88 -6.36 19.51 -17.11
C ASN A 88 -6.46 19.60 -18.66
N TRP A 89 -5.56 18.92 -19.39
CA TRP A 89 -5.59 18.87 -20.85
C TRP A 89 -6.61 17.81 -21.19
N PRO A 90 -7.72 18.16 -21.87
CA PRO A 90 -8.85 17.21 -22.01
C PRO A 90 -8.70 16.06 -23.02
N LEU A 91 -7.69 15.20 -22.85
CA LEU A 91 -7.47 14.03 -23.70
C LEU A 91 -8.26 12.87 -23.12
N THR A 92 -9.11 12.25 -23.97
CA THR A 92 -9.94 11.11 -23.59
C THR A 92 -9.19 9.80 -23.88
N MET A 93 -9.58 8.72 -23.15
CA MET A 93 -9.05 7.37 -23.31
C MET A 93 -9.42 6.86 -24.70
N GLY A 94 -10.57 7.30 -25.24
CA GLY A 94 -11.04 6.97 -26.58
C GLY A 94 -10.13 7.52 -27.66
N ALA A 95 -9.63 8.76 -27.48
CA ALA A 95 -8.68 9.39 -28.41
C ALA A 95 -7.35 8.65 -28.44
N ILE A 96 -6.87 8.26 -27.26
CA ILE A 96 -5.60 7.54 -27.09
C ILE A 96 -5.71 6.13 -27.72
N CYS A 97 -6.82 5.42 -27.46
CA CYS A 97 -7.07 4.07 -27.99
C CYS A 97 -7.09 4.09 -29.50
N THR A 98 -7.60 5.18 -30.12
CA THR A 98 -7.70 5.31 -31.57
C THR A 98 -6.27 5.42 -32.15
N LEU A 99 -5.46 6.30 -31.53
CA LEU A 99 -4.09 6.56 -31.94
C LEU A 99 -3.19 5.34 -31.72
N LEU A 100 -3.44 4.56 -30.64
CA LEU A 100 -2.62 3.38 -30.32
C LEU A 100 -3.18 2.09 -30.91
N TYR A 101 -4.34 2.13 -31.62
CA TYR A 101 -5.00 0.92 -32.16
C TYR A 101 -5.18 -0.11 -31.03
N ALA A 102 -5.66 0.39 -29.87
CA ALA A 102 -5.86 -0.39 -28.63
C ALA A 102 -7.33 -0.48 -28.27
N ASP A 103 -7.81 -1.62 -27.77
CA ASP A 103 -9.22 -1.69 -27.31
C ASP A 103 -9.31 -1.01 -25.95
N LEU A 104 -10.47 -0.47 -25.57
CA LEU A 104 -10.57 0.21 -24.26
C LEU A 104 -10.32 -0.72 -23.07
N ASP A 105 -10.73 -2.01 -23.13
CA ASP A 105 -10.50 -2.90 -21.99
C ASP A 105 -9.01 -3.27 -21.84
N VAL A 106 -8.28 -3.28 -22.97
CA VAL A 106 -6.83 -3.51 -23.05
C VAL A 106 -6.13 -2.30 -22.41
N PHE A 107 -6.64 -1.08 -22.67
CA PHE A 107 -6.13 0.17 -22.13
C PHE A 107 -6.50 0.32 -20.67
N SER A 108 -7.73 -0.09 -20.27
CA SER A 108 -8.22 -0.06 -18.90
C SER A 108 -7.35 -0.89 -17.96
N SER A 109 -6.96 -2.13 -18.33
CA SER A 109 -6.13 -2.98 -17.47
C SER A 109 -4.74 -2.40 -17.28
N THR A 110 -4.10 -1.84 -18.35
CA THR A 110 -2.77 -1.22 -18.22
C THR A 110 -2.86 0.09 -17.39
N TYR A 111 -3.86 0.94 -17.65
CA TYR A 111 -4.03 2.23 -16.94
C TYR A 111 -4.28 2.02 -15.45
N MET A 112 -5.24 1.14 -15.09
CA MET A 112 -5.56 0.84 -13.70
C MET A 112 -4.34 0.23 -12.98
N GLN A 113 -3.56 -0.64 -13.67
CA GLN A 113 -2.35 -1.28 -13.12
C GLN A 113 -1.27 -0.25 -12.81
N ILE A 114 -0.91 0.61 -13.81
CA ILE A 114 0.17 1.56 -13.67
C ILE A 114 -0.17 2.68 -12.65
N VAL A 115 -1.45 3.05 -12.49
CA VAL A 115 -1.86 4.08 -11.52
C VAL A 115 -1.66 3.48 -10.10
N LYS A 116 -2.00 2.19 -9.91
CA LYS A 116 -1.82 1.45 -8.65
C LYS A 116 -0.33 1.22 -8.35
N LEU A 117 0.43 0.84 -9.40
CA LEU A 117 1.85 0.53 -9.35
C LEU A 117 2.70 1.75 -9.03
N LEU A 118 2.46 2.88 -9.72
CA LEU A 118 3.21 4.11 -9.48
C LEU A 118 2.60 4.96 -8.32
N GLY A 119 1.48 4.48 -7.76
CA GLY A 119 0.75 5.13 -6.67
C GLY A 119 0.36 6.56 -6.98
N LEU A 120 -0.25 6.77 -8.14
CA LEU A 120 -0.58 8.08 -8.67
C LEU A 120 -1.99 8.54 -8.43
N ASP A 121 -2.08 9.88 -8.25
CA ASP A 121 -3.30 10.59 -7.99
C ASP A 121 -3.60 11.08 -9.40
N VAL A 122 -4.71 10.61 -9.96
CA VAL A 122 -5.04 11.08 -11.30
C VAL A 122 -6.32 11.94 -11.27
N PRO A 123 -6.18 13.27 -11.51
CA PRO A 123 -7.35 14.14 -11.52
C PRO A 123 -8.37 13.73 -12.59
N SER A 124 -9.61 14.11 -12.39
CA SER A 124 -10.69 13.76 -13.29
C SER A 124 -10.56 14.50 -14.64
N LEU A 125 -11.32 14.05 -15.69
CA LEU A 125 -11.35 14.77 -16.96
C LEU A 125 -11.87 16.19 -16.70
N CYS A 126 -11.22 17.25 -17.20
CA CYS A 126 -11.69 18.63 -16.94
C CYS A 126 -12.80 18.97 -17.88
N LEU A 127 -14.04 18.95 -17.39
CA LEU A 127 -15.25 19.22 -18.17
C LEU A 127 -15.22 20.52 -18.93
N ALA A 128 -14.84 21.65 -18.28
CA ALA A 128 -14.79 22.95 -18.95
C ALA A 128 -13.84 22.97 -20.17
N GLU A 129 -12.70 22.27 -20.06
CA GLU A 129 -11.69 22.19 -21.12
C GLU A 129 -12.13 21.19 -22.21
N LEU A 130 -12.88 20.14 -21.83
CA LEU A 130 -13.37 19.17 -22.78
C LEU A 130 -14.48 19.81 -23.59
N VAL A 131 -15.32 20.64 -22.95
CA VAL A 131 -16.40 21.37 -23.64
C VAL A 131 -15.79 22.23 -24.76
N LYS A 132 -14.73 23.01 -24.46
CA LYS A 132 -14.06 23.86 -25.44
C LYS A 132 -13.50 23.05 -26.64
N THR A 133 -12.72 22.00 -26.38
CA THR A 133 -12.06 21.21 -27.42
C THR A 133 -13.08 20.40 -28.26
N TYR A 134 -14.02 19.72 -27.60
CA TYR A 134 -15.02 18.89 -28.27
C TYR A 134 -16.00 19.73 -29.09
N CYS A 135 -16.54 20.81 -28.55
CA CYS A 135 -17.47 21.64 -29.29
C CYS A 135 -16.84 22.41 -30.45
N SER A 136 -15.55 22.72 -30.39
CA SER A 136 -14.85 23.40 -31.49
C SER A 136 -14.74 22.47 -32.71
N SER A 137 -14.83 21.13 -32.49
CA SER A 137 -14.80 20.11 -33.56
C SER A 137 -16.17 20.03 -34.32
N PHE A 138 -17.26 20.60 -33.75
CA PHE A 138 -18.60 20.66 -34.36
C PHE A 138 -18.52 21.65 -35.52
N LYS A 139 -18.71 21.18 -36.75
CA LYS A 139 -18.57 21.98 -37.97
C LYS A 139 -19.84 22.77 -38.27
N LEU A 140 -20.18 23.72 -37.39
CA LEU A 140 -21.40 24.54 -37.49
C LEU A 140 -21.12 26.02 -37.50
N PHE A 141 -19.89 26.42 -37.81
CA PHE A 141 -19.54 27.83 -37.72
C PHE A 141 -19.36 28.49 -39.10
N GLN A 142 -19.60 27.72 -40.17
CA GLN A 142 -19.56 28.19 -41.55
C GLN A 142 -20.61 27.42 -42.34
N ALA A 143 -21.26 28.07 -43.32
CA ALA A 143 -22.24 27.37 -44.15
C ALA A 143 -21.52 26.44 -45.13
N SER A 144 -22.20 25.37 -45.54
CA SER A 144 -21.69 24.38 -46.48
C SER A 144 -22.89 23.64 -47.11
N PRO A 145 -22.73 22.81 -48.17
CA PRO A 145 -23.90 22.10 -48.73
C PRO A 145 -24.70 21.33 -47.65
N SER A 146 -24.01 20.75 -46.63
CA SER A 146 -24.62 19.97 -45.56
C SER A 146 -24.97 20.82 -44.31
N VAL A 147 -24.46 22.07 -44.22
CA VAL A 147 -24.76 22.98 -43.10
C VAL A 147 -25.47 24.22 -43.67
N PRO A 148 -26.83 24.21 -43.72
CA PRO A 148 -27.54 25.41 -44.24
C PRO A 148 -27.38 26.61 -43.32
N ALA A 149 -27.54 27.82 -43.89
CA ALA A 149 -27.41 29.11 -43.23
C ALA A 149 -28.09 29.18 -41.85
N LYS A 150 -29.33 28.67 -41.72
CA LYS A 150 -30.09 28.72 -40.48
C LYS A 150 -29.53 27.78 -39.39
N TYR A 151 -28.63 26.87 -39.76
CA TYR A 151 -28.01 25.93 -38.82
C TYR A 151 -26.63 26.41 -38.35
N VAL A 152 -26.08 27.46 -39.00
CA VAL A 152 -24.79 28.08 -38.68
C VAL A 152 -24.93 28.87 -37.39
N GLU A 153 -24.01 28.65 -36.43
CA GLU A 153 -24.05 29.35 -35.13
C GLU A 153 -22.70 29.97 -34.78
N ASP A 154 -22.71 31.02 -33.92
CA ASP A 154 -21.48 31.67 -33.44
C ASP A 154 -20.79 30.72 -32.48
N LYS A 155 -19.48 30.46 -32.69
CA LYS A 155 -18.68 29.55 -31.88
C LYS A 155 -18.69 29.93 -30.42
N GLU A 156 -18.48 31.23 -30.07
CA GLU A 156 -18.41 31.67 -28.67
C GLU A 156 -19.76 31.55 -27.97
N LYS A 157 -20.87 31.92 -28.65
CA LYS A 157 -22.26 31.84 -28.13
C LYS A 157 -22.60 30.40 -27.81
N MET A 158 -22.18 29.48 -28.74
CA MET A 158 -22.38 28.07 -28.60
C MET A 158 -21.63 27.43 -27.42
N LEU A 159 -20.34 27.71 -27.29
CA LEU A 159 -19.50 27.22 -26.20
C LEU A 159 -20.01 27.72 -24.85
N SER A 160 -20.36 29.01 -24.74
CA SER A 160 -20.83 29.60 -23.49
C SER A 160 -22.13 28.97 -23.00
N ARG A 161 -23.08 28.72 -23.91
CA ARG A 161 -24.35 28.12 -23.51
C ARG A 161 -24.20 26.65 -23.21
N THR A 162 -23.36 25.93 -23.98
CA THR A 162 -23.09 24.52 -23.74
C THR A 162 -22.44 24.32 -22.35
N MET A 163 -21.51 25.16 -21.98
CA MET A 163 -20.87 25.10 -20.67
C MET A 163 -21.87 25.32 -19.54
N GLN A 164 -22.82 26.23 -19.73
CA GLN A 164 -23.85 26.49 -18.73
C GLN A 164 -24.78 25.29 -18.59
N LEU A 165 -25.08 24.63 -19.70
CA LEU A 165 -25.93 23.45 -19.67
C LEU A 165 -25.16 22.22 -19.07
N VAL A 166 -23.82 22.17 -19.22
CA VAL A 166 -22.98 21.10 -18.65
C VAL A 166 -22.93 21.30 -17.13
N GLU A 167 -22.81 22.58 -16.71
CA GLU A 167 -22.82 22.90 -15.28
C GLU A 167 -24.17 22.54 -14.64
N LEU A 168 -25.27 22.82 -15.34
CA LEU A 168 -26.63 22.47 -14.90
C LEU A 168 -26.77 20.95 -14.72
N ALA A 169 -26.35 20.18 -15.74
CA ALA A 169 -26.36 18.72 -15.70
C ALA A 169 -25.52 18.21 -14.51
N ASN A 170 -24.38 18.88 -14.23
CA ASN A 170 -23.50 18.51 -13.13
C ASN A 170 -24.17 18.81 -11.81
N GLU A 171 -24.80 19.99 -11.65
CA GLU A 171 -25.49 20.36 -10.42
C GLU A 171 -26.70 19.47 -10.11
N THR A 172 -27.37 18.93 -11.16
CA THR A 172 -28.59 18.12 -11.04
C THR A 172 -28.32 16.59 -11.20
N TRP A 173 -27.07 16.15 -10.89
CA TRP A 173 -26.57 14.77 -10.81
C TRP A 173 -26.63 13.96 -12.09
N LEU A 174 -26.53 14.60 -13.27
CA LEU A 174 -26.58 13.87 -14.53
C LEU A 174 -25.19 13.48 -15.01
N VAL A 175 -24.14 14.02 -14.40
CA VAL A 175 -22.74 13.79 -14.81
C VAL A 175 -22.05 12.67 -14.02
N THR A 176 -22.25 12.64 -12.69
CA THR A 176 -21.58 11.71 -11.80
C THR A 176 -21.79 10.24 -12.20
N GLY A 177 -20.69 9.52 -12.45
CA GLY A 177 -20.68 8.11 -12.82
C GLY A 177 -20.94 7.81 -14.27
N ARG A 178 -21.32 8.81 -15.05
CA ARG A 178 -21.58 8.66 -16.48
C ARG A 178 -20.37 9.10 -17.29
N HIS A 179 -20.31 8.68 -18.55
N HIS A 179 -20.24 8.66 -18.58
CA HIS A 179 -19.26 9.11 -19.46
CA HIS A 179 -19.14 9.16 -19.43
C HIS A 179 -19.47 10.62 -19.68
C HIS A 179 -19.45 10.62 -19.66
N PRO A 180 -18.46 11.48 -19.48
CA PRO A 180 -18.73 12.90 -19.61
C PRO A 180 -19.06 13.31 -21.05
N LEU A 181 -18.44 12.67 -22.09
CA LEU A 181 -18.72 13.15 -23.44
C LEU A 181 -20.21 13.17 -23.90
N PRO A 182 -21.04 12.11 -23.68
CA PRO A 182 -22.44 12.20 -24.10
C PRO A 182 -23.23 13.34 -23.44
N VAL A 183 -22.85 13.75 -22.24
CA VAL A 183 -23.46 14.89 -21.52
C VAL A 183 -23.17 16.17 -22.33
N ILE A 184 -21.91 16.35 -22.79
CA ILE A 184 -21.52 17.52 -23.59
C ILE A 184 -22.23 17.50 -24.94
N THR A 185 -22.39 16.31 -25.60
CA THR A 185 -23.11 16.19 -26.88
C THR A 185 -24.54 16.67 -26.71
N ALA A 186 -25.24 16.21 -25.64
CA ALA A 186 -26.65 16.59 -25.38
C ALA A 186 -26.75 18.07 -25.06
N ALA A 187 -25.81 18.60 -24.26
CA ALA A 187 -25.78 20.00 -23.91
C ALA A 187 -25.47 20.88 -25.12
N THR A 188 -24.53 20.49 -26.01
CA THR A 188 -24.16 21.28 -27.20
C THR A 188 -25.36 21.36 -28.16
N PHE A 189 -26.11 20.26 -28.30
CA PHE A 189 -27.31 20.21 -29.15
C PHE A 189 -28.37 21.15 -28.62
N LEU A 190 -28.68 21.07 -27.31
CA LEU A 190 -29.65 21.93 -26.64
C LEU A 190 -29.23 23.40 -26.71
N ALA A 191 -27.92 23.70 -26.60
CA ALA A 191 -27.42 25.06 -26.72
C ALA A 191 -27.67 25.60 -28.11
N TRP A 192 -27.36 24.78 -29.13
CA TRP A 192 -27.53 25.11 -30.53
C TRP A 192 -29.02 25.33 -30.86
N GLN A 193 -29.93 24.43 -30.44
CA GLN A 193 -31.37 24.61 -30.67
C GLN A 193 -31.92 25.87 -30.02
N SER A 194 -31.54 26.11 -28.76
CA SER A 194 -32.05 27.23 -27.97
C SER A 194 -31.57 28.58 -28.48
N LEU A 195 -30.50 28.59 -29.28
CA LEU A 195 -29.98 29.84 -29.81
C LEU A 195 -30.81 30.33 -31.03
N GLN A 196 -31.54 29.44 -31.72
CA GLN A 196 -32.47 29.78 -32.82
C GLN A 196 -33.62 28.76 -32.79
N PRO A 197 -34.54 28.85 -31.79
CA PRO A 197 -35.53 27.79 -31.63
C PRO A 197 -36.52 27.62 -32.75
N ALA A 198 -36.98 28.71 -33.38
CA ALA A 198 -37.97 28.64 -34.46
C ALA A 198 -37.53 27.74 -35.62
N ASP A 199 -36.25 27.78 -35.98
CA ASP A 199 -35.73 27.05 -37.14
C ASP A 199 -35.00 25.76 -36.79
N ARG A 200 -34.68 25.54 -35.50
CA ARG A 200 -33.90 24.36 -35.13
C ARG A 200 -34.64 23.33 -34.26
N LEU A 201 -35.90 23.57 -33.88
CA LEU A 201 -36.63 22.62 -33.05
C LEU A 201 -37.01 21.34 -33.84
N SER A 202 -37.10 21.41 -35.17
CA SER A 202 -37.44 20.25 -36.00
C SER A 202 -36.26 19.25 -36.08
N CYS A 203 -35.02 19.74 -35.94
CA CYS A 203 -33.80 18.95 -36.04
C CYS A 203 -33.57 18.11 -34.78
N SER A 204 -33.47 16.80 -34.98
CA SER A 204 -33.22 15.83 -33.93
C SER A 204 -31.76 15.79 -33.57
N LEU A 205 -31.42 15.17 -32.42
CA LEU A 205 -30.06 14.98 -31.96
C LEU A 205 -29.23 14.23 -33.04
N ALA A 206 -29.81 13.17 -33.65
CA ALA A 206 -29.09 12.38 -34.66
C ALA A 206 -28.74 13.21 -35.88
N ARG A 207 -29.67 14.06 -36.36
CA ARG A 207 -29.46 14.90 -37.55
C ARG A 207 -28.42 15.97 -37.25
N PHE A 208 -28.43 16.50 -36.03
CA PHE A 208 -27.51 17.52 -35.59
C PHE A 208 -26.05 17.02 -35.59
N CYS A 209 -25.79 15.85 -34.97
CA CYS A 209 -24.45 15.27 -34.93
C CYS A 209 -23.96 14.97 -36.35
N LYS A 210 -24.86 14.50 -37.26
CA LYS A 210 -24.56 14.16 -38.66
C LYS A 210 -24.08 15.40 -39.43
N LEU A 211 -24.72 16.57 -39.29
CA LEU A 211 -24.27 17.73 -40.08
C LEU A 211 -23.04 18.39 -39.47
N ALA A 212 -22.91 18.37 -38.16
CA ALA A 212 -21.79 18.91 -37.40
C ALA A 212 -20.53 18.03 -37.58
N ASN A 213 -20.74 16.85 -38.15
CA ASN A 213 -19.78 15.79 -38.47
C ASN A 213 -19.09 15.27 -37.22
N VAL A 214 -19.91 14.84 -36.26
CA VAL A 214 -19.47 14.31 -34.95
C VAL A 214 -20.26 13.04 -34.69
N ASP A 215 -19.60 11.96 -34.29
CA ASP A 215 -20.29 10.70 -34.03
C ASP A 215 -21.25 10.88 -32.86
N LEU A 216 -22.40 10.23 -32.93
CA LEU A 216 -23.41 10.33 -31.89
C LEU A 216 -23.18 9.26 -30.83
N PRO A 217 -22.75 9.65 -29.59
CA PRO A 217 -22.58 8.63 -28.52
C PRO A 217 -23.95 8.08 -28.14
N TYR A 218 -24.10 6.73 -27.93
CA TYR A 218 -25.45 6.25 -27.62
C TYR A 218 -26.09 6.85 -26.36
N PRO A 219 -25.32 7.06 -25.29
CA PRO A 219 -26.00 7.61 -24.11
C PRO A 219 -26.42 9.08 -24.24
N ALA A 220 -26.01 9.81 -25.31
CA ALA A 220 -26.34 11.23 -25.46
C ALA A 220 -27.86 11.48 -25.53
N SER A 221 -28.63 10.56 -26.12
CA SER A 221 -30.10 10.66 -26.20
C SER A 221 -30.72 10.56 -24.81
N SER A 222 -30.15 9.75 -23.91
CA SER A 222 -30.66 9.61 -22.56
C SER A 222 -30.38 10.85 -21.76
N ARG A 223 -29.15 11.45 -21.94
CA ARG A 223 -28.68 12.66 -21.27
C ARG A 223 -29.53 13.81 -21.67
N LEU A 224 -29.92 13.87 -22.97
CA LEU A 224 -30.81 14.90 -23.52
C LEU A 224 -32.15 14.91 -22.80
N GLN A 225 -32.81 13.73 -22.71
CA GLN A 225 -34.10 13.56 -22.07
C GLN A 225 -34.04 13.91 -20.58
N GLU A 226 -32.95 13.56 -19.88
CA GLU A 226 -32.76 13.88 -18.47
C GLU A 226 -32.62 15.40 -18.27
N LEU A 227 -31.86 16.07 -19.17
CA LEU A 227 -31.60 17.51 -19.15
C LEU A 227 -32.88 18.28 -19.46
N LEU A 228 -33.72 17.78 -20.37
CA LEU A 228 -35.00 18.40 -20.70
C LEU A 228 -35.96 18.28 -19.54
N ALA A 229 -35.97 17.13 -18.84
CA ALA A 229 -36.81 16.89 -17.65
C ALA A 229 -36.44 17.85 -16.50
N VAL A 230 -35.12 18.09 -16.29
CA VAL A 230 -34.56 19.01 -15.28
C VAL A 230 -35.04 20.46 -15.63
N LEU A 231 -34.90 20.89 -16.92
CA LEU A 231 -35.28 22.22 -17.39
C LEU A 231 -36.79 22.47 -17.25
N LEU A 232 -37.58 21.39 -17.38
CA LEU A 232 -39.03 21.46 -17.21
C LEU A 232 -39.40 21.66 -15.74
N ARG A 233 -38.66 21.04 -14.79
CA ARG A 233 -38.93 21.22 -13.36
C ARG A 233 -38.60 22.65 -12.97
N MET A 234 -37.51 23.18 -13.54
CA MET A 234 -37.05 24.55 -13.32
C MET A 234 -38.10 25.53 -13.81
N ALA A 235 -38.68 25.32 -15.02
CA ALA A 235 -39.70 26.16 -15.65
C ALA A 235 -40.93 26.29 -14.79
N GLU A 236 -41.25 25.24 -13.99
CA GLU A 236 -42.38 25.28 -13.04
C GLU A 236 -42.14 26.33 -11.89
N GLN A 237 -40.88 26.79 -11.68
CA GLN A 237 -40.49 27.73 -10.63
C GLN A 237 -40.61 29.20 -11.06
N LEU A 238 -40.84 29.42 -12.37
CA LEU A 238 -41.09 30.75 -12.94
C LEU A 238 -42.58 30.84 -13.25
N ALA A 239 -43.32 31.73 -12.57
CA ALA A 239 -44.77 31.85 -12.72
C ALA A 239 -45.21 32.05 -14.19
N TRP A 240 -44.45 32.85 -14.96
CA TRP A 240 -44.77 33.17 -16.35
C TRP A 240 -44.44 32.02 -17.32
N LEU A 241 -43.73 31.01 -16.87
CA LEU A 241 -43.44 29.82 -17.67
C LEU A 241 -44.33 28.67 -17.25
N ARG A 242 -44.69 28.60 -15.96
CA ARG A 242 -45.56 27.59 -15.35
C ARG A 242 -46.96 27.62 -16.01
N VAL A 243 -47.42 28.82 -16.37
CA VAL A 243 -48.73 29.07 -16.98
C VAL A 243 -48.79 28.62 -18.48
N LEU A 244 -47.63 28.40 -19.13
CA LEU A 244 -47.54 27.99 -20.54
C LEU A 244 -47.67 26.46 -20.71
N ARG A 245 -47.71 25.70 -19.59
CA ARG A 245 -47.79 24.25 -19.52
C ARG A 245 -46.78 23.61 -20.49
N LEU A 246 -45.51 23.93 -20.31
CA LEU A 246 -44.45 23.49 -21.21
C LEU A 246 -44.21 21.99 -21.22
N ASP A 247 -43.65 21.50 -22.33
CA ASP A 247 -43.27 20.10 -22.55
C ASP A 247 -41.82 20.11 -23.05
N LYS A 248 -41.21 18.95 -23.30
CA LYS A 248 -39.82 18.78 -23.76
C LYS A 248 -39.51 19.51 -25.10
N ARG A 249 -40.55 19.91 -25.87
CA ARG A 249 -40.39 20.61 -27.15
C ARG A 249 -40.54 22.10 -26.95
N SER A 250 -41.60 22.53 -26.24
CA SER A 250 -41.89 23.94 -26.01
C SER A 250 -40.92 24.61 -25.01
N VAL A 251 -40.21 23.82 -24.17
CA VAL A 251 -39.27 24.33 -23.16
C VAL A 251 -37.99 24.86 -23.80
N VAL A 252 -37.65 24.38 -25.00
CA VAL A 252 -36.41 24.71 -25.71
C VAL A 252 -36.27 26.23 -25.96
N LYS A 253 -37.31 26.93 -26.38
CA LYS A 253 -37.21 28.38 -26.61
C LYS A 253 -37.02 29.21 -25.31
N HIS A 254 -37.13 28.58 -24.13
CA HIS A 254 -37.01 29.27 -22.84
C HIS A 254 -35.74 28.90 -22.12
N ILE A 255 -34.89 28.10 -22.76
CA ILE A 255 -33.63 27.66 -22.16
C ILE A 255 -32.75 28.86 -21.78
N GLY A 256 -32.66 29.85 -22.67
CA GLY A 256 -31.90 31.07 -22.42
C GLY A 256 -32.34 31.73 -21.12
N ASP A 257 -33.66 31.87 -20.94
CA ASP A 257 -34.29 32.45 -19.76
C ASP A 257 -34.01 31.62 -18.51
N LEU A 258 -34.09 30.27 -18.62
CA LEU A 258 -33.88 29.33 -17.51
C LEU A 258 -32.44 29.35 -17.02
N LEU A 259 -31.48 29.45 -17.96
CA LEU A 259 -30.05 29.45 -17.62
C LEU A 259 -29.63 30.75 -16.98
N GLN A 260 -30.33 31.85 -17.30
CA GLN A 260 -30.07 33.16 -16.75
C GLN A 260 -30.23 33.13 -15.22
N HIS A 261 -31.09 32.21 -14.70
CA HIS A 261 -31.36 32.05 -13.28
C HIS A 261 -31.23 30.56 -12.86
N ARG A 262 -30.25 29.84 -13.46
CA ARG A 262 -30.05 28.41 -13.20
C ARG A 262 -29.78 28.07 -11.73
N GLN A 263 -28.83 28.75 -11.04
CA GLN A 263 -28.50 28.47 -9.64
C GLN A 263 -29.73 28.54 -8.75
N SER A 264 -30.45 29.65 -8.88
CA SER A 264 -31.66 30.02 -8.15
C SER A 264 -32.81 29.04 -8.43
N LEU A 265 -33.04 28.71 -9.71
CA LEU A 265 -34.14 27.83 -10.11
C LEU A 265 -33.96 26.39 -9.67
N VAL A 266 -32.69 25.88 -9.67
CA VAL A 266 -32.33 24.52 -9.27
C VAL A 266 -32.65 24.35 -7.79
N ARG A 267 -32.19 25.29 -6.95
CA ARG A 267 -32.41 25.31 -5.49
C ARG A 267 -33.92 25.31 -5.15
N SER A 268 -34.69 26.14 -5.88
CA SER A 268 -36.11 26.30 -5.64
C SER A 268 -36.93 25.09 -6.09
N ALA A 269 -36.50 24.44 -7.19
CA ALA A 269 -37.20 23.30 -7.78
C ALA A 269 -37.02 22.02 -6.97
N PHE A 270 -35.96 21.94 -6.14
CA PHE A 270 -35.69 20.71 -5.45
C PHE A 270 -35.49 20.85 -3.94
N ARG A 271 -36.22 19.98 -3.20
CA ARG A 271 -36.29 19.84 -1.76
C ARG A 271 -34.92 19.46 -1.15
N ASP A 272 -34.16 18.57 -1.83
CA ASP A 272 -32.90 18.07 -1.30
C ASP A 272 -31.68 18.97 -1.63
N GLY A 273 -31.19 19.65 -0.57
CA GLY A 273 -30.06 20.57 -0.59
C GLY A 273 -29.93 21.34 0.73
N THR A 274 -28.68 21.53 1.22
CA THR A 274 -28.41 22.23 2.49
C THR A 274 -27.97 23.69 2.25
N ALA A 275 -28.19 24.57 3.26
CA ALA A 275 -27.83 26.00 3.27
C ALA A 275 -26.31 26.23 3.65
N GLU A 276 -25.56 25.11 3.78
CA GLU A 276 -24.12 25.00 4.05
C GLU A 276 -23.64 23.65 3.52
N PRO A 312 -42.79 18.16 -4.30
CA PRO A 312 -42.72 16.70 -4.46
C PRO A 312 -41.41 16.24 -5.11
N ALA A 313 -40.80 17.17 -5.91
CA ALA A 313 -39.55 16.98 -6.66
C ALA A 313 -38.34 16.88 -5.71
N LEU A 314 -37.53 15.83 -5.91
CA LEU A 314 -36.33 15.60 -5.09
C LEU A 314 -35.12 15.50 -5.99
N LEU A 315 -34.10 16.36 -5.77
CA LEU A 315 -32.90 16.35 -6.60
C LEU A 315 -32.07 15.15 -6.24
N LEU A 316 -32.12 14.14 -7.12
CA LEU A 316 -31.40 12.90 -6.97
C LEU A 316 -30.87 12.39 -8.32
N PRO A 317 -29.78 11.58 -8.27
CA PRO A 317 -29.27 10.94 -9.48
C PRO A 317 -30.34 10.07 -10.13
N PRO A 318 -30.41 10.04 -11.48
CA PRO A 318 -31.42 9.20 -12.16
C PRO A 318 -31.43 7.72 -11.74
N CYS A 319 -30.30 7.15 -11.30
CA CYS A 319 -30.27 5.74 -10.90
C CYS A 319 -30.94 5.49 -9.53
N MET A 320 -31.37 6.55 -8.83
CA MET A 320 -32.02 6.42 -7.53
C MET A 320 -33.55 6.50 -7.68
N LEU A 321 -34.01 7.08 -8.81
CA LEU A 321 -35.42 7.29 -9.17
C LEU A 321 -35.88 6.34 -10.25
N LYS A 322 -35.09 5.32 -10.61
CA LYS A 322 -35.42 4.34 -11.63
C LYS A 322 -36.69 3.61 -11.18
N SER A 323 -36.81 3.53 -9.87
CA SER A 323 -37.89 2.93 -9.07
C SER A 323 -38.17 1.45 -9.45
N PRO A 324 -37.23 0.51 -9.15
CA PRO A 324 -37.52 -0.90 -9.44
C PRO A 324 -38.48 -1.45 -8.39
N LYS A 325 -39.19 -2.53 -8.71
CA LYS A 325 -40.14 -3.10 -7.76
C LYS A 325 -39.41 -3.83 -6.61
N ARG A 326 -38.10 -4.07 -6.75
CA ARG A 326 -37.25 -4.71 -5.72
C ARG A 326 -35.91 -3.98 -5.62
N ILE A 327 -35.53 -3.60 -4.37
CA ILE A 327 -34.27 -2.92 -4.11
C ILE A 327 -33.46 -3.79 -3.12
N CYS A 328 -32.25 -4.15 -3.53
CA CYS A 328 -31.26 -4.99 -2.84
C CYS A 328 -31.92 -6.07 -1.97
N PRO A 329 -32.24 -7.23 -2.61
CA PRO A 329 -32.83 -8.33 -1.86
C PRO A 329 -31.78 -8.91 -0.93
N VAL A 330 -31.85 -8.44 0.32
CA VAL A 330 -30.89 -8.70 1.42
C VAL A 330 -30.63 -10.21 1.62
N PRO A 331 -29.35 -10.63 1.75
CA PRO A 331 -29.07 -12.06 2.04
C PRO A 331 -29.70 -12.47 3.39
N PRO A 332 -30.34 -13.66 3.47
CA PRO A 332 -31.05 -14.04 4.71
C PRO A 332 -30.14 -14.28 5.91
N VAL A 333 -30.53 -13.67 7.04
CA VAL A 333 -29.79 -13.77 8.28
C VAL A 333 -29.75 -15.25 8.70
N SER A 334 -28.54 -15.78 8.81
CA SER A 334 -28.19 -17.16 9.21
C SER A 334 -26.94 -17.08 10.04
N THR A 335 -26.93 -17.81 11.17
CA THR A 335 -25.82 -17.83 12.11
C THR A 335 -25.40 -19.28 12.41
N VAL A 336 -25.63 -20.16 11.41
CA VAL A 336 -25.32 -21.60 11.47
C VAL A 336 -23.80 -21.81 11.58
N THR A 337 -23.38 -22.63 12.54
CA THR A 337 -21.99 -22.97 12.82
C THR A 337 -21.48 -23.95 11.77
N GLY A 338 -20.22 -23.80 11.40
CA GLY A 338 -19.59 -24.66 10.41
C GLY A 338 -19.10 -25.98 10.96
N ASP A 339 -19.57 -26.37 12.17
CA ASP A 339 -19.20 -27.59 12.91
C ASP A 339 -20.29 -28.68 12.86
N GLU A 340 -21.46 -28.41 12.23
CA GLU A 340 -22.57 -29.38 12.17
C GLU A 340 -22.23 -30.64 11.39
N ASN A 341 -22.83 -31.77 11.79
CA ASN A 341 -22.65 -33.10 11.21
C ASN A 341 -23.04 -33.10 9.72
N ILE A 342 -22.28 -33.85 8.91
CA ILE A 342 -22.52 -34.02 7.49
C ILE A 342 -22.84 -35.50 7.27
N SER A 343 -24.13 -35.80 6.99
CA SER A 343 -24.59 -37.18 6.80
C SER A 343 -24.10 -37.77 5.47
N ASP A 344 -24.10 -39.11 5.35
CA ASP A 344 -23.68 -39.82 4.13
C ASP A 344 -24.66 -39.57 2.97
N SER A 345 -25.98 -39.47 3.26
CA SER A 345 -27.04 -39.22 2.27
C SER A 345 -26.91 -37.83 1.66
N GLU A 346 -26.47 -36.84 2.49
CA GLU A 346 -26.26 -35.46 2.07
C GLU A 346 -25.15 -35.41 1.00
N ILE A 347 -24.07 -36.20 1.19
CA ILE A 347 -22.93 -36.24 0.27
C ILE A 347 -23.24 -37.11 -0.96
N GLU A 348 -23.82 -38.32 -0.77
CA GLU A 348 -24.12 -39.30 -1.83
C GLU A 348 -24.93 -38.72 -3.01
N GLN A 349 -25.76 -37.68 -2.78
CA GLN A 349 -26.56 -37.02 -3.83
C GLN A 349 -25.65 -36.32 -4.87
N TYR A 350 -24.38 -36.04 -4.51
CA TYR A 350 -23.43 -35.38 -5.40
C TYR A 350 -22.57 -36.41 -6.14
N LEU A 351 -22.85 -37.71 -5.97
CA LEU A 351 -22.09 -38.78 -6.62
C LEU A 351 -22.89 -39.42 -7.73
N ARG A 352 -22.21 -39.78 -8.81
CA ARG A 352 -22.84 -40.49 -9.91
C ARG A 352 -22.97 -41.97 -9.59
N THR A 353 -24.08 -42.59 -10.02
CA THR A 353 -24.29 -44.03 -9.87
C THR A 353 -23.48 -44.77 -10.95
N PRO A 354 -23.23 -46.10 -10.84
CA PRO A 354 -22.51 -46.81 -11.93
C PRO A 354 -23.20 -46.63 -13.30
N GLN A 355 -24.57 -46.61 -13.34
CA GLN A 355 -25.34 -46.38 -14.57
C GLN A 355 -25.10 -44.96 -15.11
N GLU A 356 -25.12 -43.93 -14.23
CA GLU A 356 -24.85 -42.54 -14.62
C GLU A 356 -23.45 -42.39 -15.21
N VAL A 357 -22.44 -43.13 -14.66
CA VAL A 357 -21.06 -43.10 -15.16
C VAL A 357 -21.02 -43.68 -16.59
N ARG A 358 -21.68 -44.83 -16.81
CA ARG A 358 -21.77 -45.49 -18.12
C ARG A 358 -22.46 -44.59 -19.16
N ASP A 359 -23.59 -43.94 -18.78
CA ASP A 359 -24.36 -43.04 -19.65
C ASP A 359 -23.59 -41.77 -20.01
N PHE A 360 -22.72 -41.29 -19.09
CA PHE A 360 -21.85 -40.13 -19.34
C PHE A 360 -20.72 -40.54 -20.31
N GLN A 361 -20.05 -41.70 -20.03
CA GLN A 361 -18.96 -42.25 -20.83
C GLN A 361 -19.40 -42.50 -22.28
N ARG A 362 -20.63 -43.03 -22.49
CA ARG A 362 -21.20 -43.27 -23.83
C ARG A 362 -21.41 -41.93 -24.58
N ALA A 363 -21.84 -40.88 -23.85
CA ALA A 363 -22.09 -39.54 -24.38
C ALA A 363 -20.79 -38.77 -24.72
N GLN A 364 -19.64 -39.25 -24.22
CA GLN A 364 -18.31 -38.67 -24.48
C GLN A 364 -17.58 -39.51 -25.55
N GLY B 18 -22.31 8.47 17.10
CA GLY B 18 -21.14 7.62 16.88
C GLY B 18 -21.31 6.71 15.67
N PRO B 19 -21.87 5.48 15.85
CA PRO B 19 -22.04 4.59 14.69
C PRO B 19 -23.15 5.08 13.74
N SER B 20 -23.03 4.69 12.46
CA SER B 20 -23.95 5.05 11.38
C SER B 20 -25.32 4.44 11.55
N GLY B 21 -25.36 3.27 12.19
CA GLY B 21 -26.57 2.47 12.37
C GLY B 21 -26.78 1.53 11.19
N ILE B 22 -25.82 1.52 10.25
CA ILE B 22 -25.85 0.69 9.04
C ILE B 22 -24.81 -0.43 9.18
N VAL B 23 -25.26 -1.68 8.91
CA VAL B 23 -24.40 -2.85 9.01
C VAL B 23 -24.20 -3.42 7.60
N PRO B 24 -22.94 -3.40 7.07
CA PRO B 24 -22.71 -3.98 5.74
C PRO B 24 -23.06 -5.47 5.74
N GLN B 25 -23.68 -5.93 4.65
CA GLN B 25 -24.08 -7.32 4.49
C GLN B 25 -23.00 -8.06 3.75
N LEU B 26 -22.59 -9.22 4.26
CA LEU B 26 -21.55 -9.97 3.58
C LEU B 26 -22.17 -10.65 2.34
N GLN B 27 -21.58 -10.40 1.17
CA GLN B 27 -22.07 -10.92 -0.12
C GLN B 27 -21.27 -12.11 -0.63
N ASN B 28 -19.98 -12.24 -0.24
CA ASN B 28 -19.13 -13.29 -0.74
C ASN B 28 -17.90 -13.46 0.14
N ILE B 29 -17.50 -14.73 0.36
CA ILE B 29 -16.33 -15.17 1.16
C ILE B 29 -15.51 -16.09 0.28
N VAL B 30 -14.19 -15.89 0.24
CA VAL B 30 -13.25 -16.73 -0.51
C VAL B 30 -12.36 -17.38 0.51
N SER B 31 -12.40 -18.71 0.59
CA SER B 31 -11.58 -19.42 1.55
C SER B 31 -10.77 -20.48 0.86
N THR B 32 -9.66 -20.92 1.48
CA THR B 32 -8.81 -21.97 0.93
C THR B 32 -8.65 -23.07 1.96
N VAL B 33 -8.43 -24.30 1.50
CA VAL B 33 -8.16 -25.43 2.37
C VAL B 33 -7.28 -26.42 1.61
N ASN B 34 -6.41 -27.13 2.35
CA ASN B 34 -5.52 -28.15 1.81
C ASN B 34 -6.10 -29.49 2.17
N LEU B 35 -6.44 -30.29 1.17
CA LEU B 35 -6.99 -31.62 1.41
C LEU B 35 -5.84 -32.63 1.71
N GLY B 36 -4.61 -32.12 1.76
CA GLY B 36 -3.40 -32.84 2.12
C GLY B 36 -3.03 -34.08 1.36
N CYS B 37 -3.53 -34.24 0.12
CA CYS B 37 -3.20 -35.40 -0.72
C CYS B 37 -3.37 -35.05 -2.19
N LYS B 38 -2.61 -35.72 -3.08
CA LYS B 38 -2.71 -35.51 -4.52
C LYS B 38 -4.01 -36.11 -5.04
N LEU B 39 -4.64 -35.43 -6.00
CA LEU B 39 -5.95 -35.85 -6.52
C LEU B 39 -5.94 -36.09 -8.01
N ASP B 40 -6.69 -37.12 -8.47
CA ASP B 40 -6.90 -37.41 -9.90
C ASP B 40 -8.20 -36.74 -10.30
N LEU B 41 -8.06 -35.60 -10.97
CA LEU B 41 -9.18 -34.76 -11.36
C LEU B 41 -10.09 -35.43 -12.41
N LYS B 42 -9.54 -36.30 -13.27
CA LYS B 42 -10.30 -37.04 -14.30
C LYS B 42 -11.37 -37.89 -13.59
N THR B 43 -10.94 -38.60 -12.50
CA THR B 43 -11.75 -39.46 -11.65
C THR B 43 -12.86 -38.65 -10.97
N ILE B 44 -12.50 -37.52 -10.31
CA ILE B 44 -13.45 -36.62 -9.62
C ILE B 44 -14.52 -36.15 -10.63
N ALA B 45 -14.10 -35.62 -11.81
CA ALA B 45 -14.97 -35.11 -12.87
C ALA B 45 -15.94 -36.15 -13.38
N LEU B 46 -15.46 -37.37 -13.57
CA LEU B 46 -16.29 -38.43 -14.10
C LEU B 46 -17.24 -39.01 -13.05
N ARG B 47 -16.83 -39.08 -11.78
CA ARG B 47 -17.61 -39.77 -10.76
C ARG B 47 -18.47 -38.84 -9.88
N ALA B 48 -18.25 -37.53 -9.92
CA ALA B 48 -19.13 -36.60 -9.18
C ALA B 48 -20.21 -36.07 -10.12
N ARG B 49 -21.37 -35.65 -9.60
CA ARG B 49 -22.46 -35.10 -10.41
C ARG B 49 -22.29 -33.60 -10.64
N ASN B 50 -21.77 -32.93 -9.62
CA ASN B 50 -21.63 -31.49 -9.51
C ASN B 50 -20.25 -30.95 -9.96
N ALA B 51 -19.49 -31.70 -10.77
CA ALA B 51 -18.14 -31.35 -11.22
C ALA B 51 -18.06 -31.03 -12.71
N GLU B 52 -17.20 -30.09 -13.04
CA GLU B 52 -16.92 -29.64 -14.39
C GLU B 52 -15.40 -29.63 -14.56
N TYR B 53 -14.88 -30.26 -15.63
CA TYR B 53 -13.43 -30.35 -15.85
C TYR B 53 -13.08 -30.36 -17.34
N ASN B 54 -12.31 -29.36 -17.76
CA ASN B 54 -11.80 -29.18 -19.13
C ASN B 54 -10.33 -28.76 -18.99
N PRO B 55 -9.40 -29.73 -18.82
CA PRO B 55 -7.98 -29.38 -18.60
C PRO B 55 -7.35 -28.51 -19.70
N LYS B 56 -7.84 -28.61 -20.94
CA LYS B 56 -7.40 -27.82 -22.09
C LYS B 56 -7.76 -26.33 -21.88
N ARG B 57 -8.82 -26.04 -21.10
CA ARG B 57 -9.33 -24.71 -20.79
C ARG B 57 -8.78 -24.20 -19.44
N PHE B 58 -9.03 -24.97 -18.36
CA PHE B 58 -8.60 -24.62 -17.03
C PHE B 58 -8.23 -25.90 -16.25
N ALA B 59 -7.06 -25.87 -15.61
CA ALA B 59 -6.40 -26.96 -14.89
C ALA B 59 -7.11 -27.50 -13.62
N ALA B 60 -8.25 -26.95 -13.17
CA ALA B 60 -8.92 -27.44 -11.97
C ALA B 60 -10.35 -27.92 -12.19
N VAL B 61 -10.90 -28.67 -11.22
CA VAL B 61 -12.27 -29.15 -11.24
C VAL B 61 -13.13 -28.05 -10.62
N ILE B 62 -14.25 -27.69 -11.27
CA ILE B 62 -15.22 -26.71 -10.78
C ILE B 62 -16.37 -27.52 -10.18
N MET B 63 -16.54 -27.47 -8.83
CA MET B 63 -17.57 -28.22 -8.10
C MET B 63 -18.56 -27.31 -7.42
N ARG B 64 -19.84 -27.68 -7.39
CA ARG B 64 -20.91 -26.89 -6.76
C ARG B 64 -21.78 -27.71 -5.85
N ILE B 65 -22.16 -27.14 -4.68
CA ILE B 65 -23.11 -27.76 -3.75
C ILE B 65 -24.28 -26.78 -3.58
N ARG B 66 -25.47 -27.28 -3.24
CA ARG B 66 -26.64 -26.41 -3.13
C ARG B 66 -26.77 -25.73 -1.75
N GLU B 67 -26.21 -26.35 -0.68
CA GLU B 67 -26.32 -25.77 0.66
C GLU B 67 -25.07 -26.01 1.50
N PRO B 68 -24.31 -24.96 1.88
CA PRO B 68 -24.47 -23.55 1.48
C PRO B 68 -24.19 -23.40 -0.01
N ARG B 69 -24.96 -22.56 -0.74
CA ARG B 69 -24.79 -22.37 -2.20
C ARG B 69 -23.43 -21.72 -2.47
N THR B 70 -22.48 -22.54 -2.96
CA THR B 70 -21.09 -22.16 -3.20
C THR B 70 -20.49 -22.83 -4.43
N THR B 71 -19.26 -22.45 -4.81
CA THR B 71 -18.48 -23.08 -5.89
C THR B 71 -17.07 -23.34 -5.36
N ALA B 72 -16.53 -24.51 -5.67
CA ALA B 72 -15.18 -24.86 -5.28
C ALA B 72 -14.34 -25.15 -6.50
N LEU B 73 -13.06 -24.75 -6.43
CA LEU B 73 -12.04 -25.05 -7.41
C LEU B 73 -11.13 -26.09 -6.76
N ILE B 74 -11.12 -27.31 -7.29
CA ILE B 74 -10.32 -28.38 -6.73
C ILE B 74 -9.15 -28.62 -7.67
N PHE B 75 -7.91 -28.46 -7.15
CA PHE B 75 -6.68 -28.62 -7.92
C PHE B 75 -6.05 -30.00 -7.68
N SER B 76 -5.27 -30.50 -8.67
CA SER B 76 -4.65 -31.84 -8.60
C SER B 76 -3.63 -31.93 -7.45
N SER B 77 -3.16 -30.76 -6.94
CA SER B 77 -2.23 -30.68 -5.81
C SER B 77 -2.91 -31.03 -4.47
N GLY B 78 -4.25 -31.03 -4.45
CA GLY B 78 -5.04 -31.29 -3.26
C GLY B 78 -5.52 -30.01 -2.60
N LYS B 79 -5.08 -28.86 -3.13
CA LYS B 79 -5.49 -27.55 -2.64
C LYS B 79 -6.88 -27.21 -3.20
N MET B 80 -7.68 -26.48 -2.43
CA MET B 80 -9.03 -26.14 -2.83
C MET B 80 -9.35 -24.70 -2.44
N VAL B 81 -10.14 -24.02 -3.30
CA VAL B 81 -10.65 -22.65 -3.14
C VAL B 81 -12.16 -22.74 -3.08
N CYS B 82 -12.77 -22.17 -2.04
CA CYS B 82 -14.22 -22.18 -1.86
C CYS B 82 -14.73 -20.75 -1.96
N THR B 83 -15.66 -20.49 -2.90
CA THR B 83 -16.22 -19.15 -3.18
C THR B 83 -17.74 -19.09 -3.02
N GLY B 84 -18.28 -17.89 -2.85
CA GLY B 84 -19.73 -17.68 -2.81
C GLY B 84 -20.49 -17.71 -1.49
N ALA B 85 -19.88 -18.18 -0.38
CA ALA B 85 -20.61 -18.25 0.90
C ALA B 85 -20.89 -16.86 1.44
N LYS B 86 -21.95 -16.73 2.26
CA LYS B 86 -22.40 -15.44 2.80
C LYS B 86 -21.92 -15.20 4.23
N SER B 87 -21.30 -16.21 4.85
CA SER B 87 -20.72 -16.13 6.19
C SER B 87 -19.50 -17.04 6.25
N GLU B 88 -18.56 -16.70 7.12
CA GLU B 88 -17.31 -17.42 7.36
C GLU B 88 -17.61 -18.87 7.84
N GLU B 89 -18.71 -19.07 8.58
CA GLU B 89 -19.18 -20.36 9.08
C GLU B 89 -19.70 -21.20 7.91
N GLN B 90 -20.48 -20.55 7.00
CA GLN B 90 -21.02 -21.16 5.79
C GLN B 90 -19.88 -21.59 4.87
N SER B 91 -18.82 -20.77 4.75
CA SER B 91 -17.66 -21.09 3.91
C SER B 91 -16.92 -22.32 4.44
N ARG B 92 -16.81 -22.45 5.78
CA ARG B 92 -16.17 -23.58 6.43
C ARG B 92 -17.01 -24.85 6.24
N LEU B 93 -18.36 -24.77 6.45
CA LEU B 93 -19.27 -25.90 6.29
C LEU B 93 -19.27 -26.39 4.83
N ALA B 94 -19.22 -25.45 3.85
CA ALA B 94 -19.20 -25.78 2.44
C ALA B 94 -17.88 -26.46 2.07
N ALA B 95 -16.75 -25.91 2.54
CA ALA B 95 -15.40 -26.44 2.33
C ALA B 95 -15.31 -27.86 2.87
N ARG B 96 -15.89 -28.13 4.06
CA ARG B 96 -15.93 -29.47 4.67
C ARG B 96 -16.76 -30.45 3.82
N LYS B 97 -17.88 -29.95 3.21
CA LYS B 97 -18.74 -30.77 2.35
C LYS B 97 -18.00 -31.17 1.07
N TYR B 98 -17.23 -30.22 0.44
CA TYR B 98 -16.43 -30.57 -0.75
C TYR B 98 -15.37 -31.60 -0.40
N ALA B 99 -14.76 -31.47 0.80
CA ALA B 99 -13.77 -32.41 1.33
C ALA B 99 -14.37 -33.81 1.51
N ARG B 100 -15.64 -33.87 1.97
CA ARG B 100 -16.35 -35.13 2.18
C ARG B 100 -16.73 -35.78 0.85
N VAL B 101 -17.01 -34.96 -0.20
CA VAL B 101 -17.36 -35.47 -1.54
C VAL B 101 -16.10 -36.18 -2.09
N VAL B 102 -14.94 -35.49 -2.01
CA VAL B 102 -13.62 -35.97 -2.44
C VAL B 102 -13.24 -37.28 -1.69
N GLN B 103 -13.49 -37.36 -0.35
CA GLN B 103 -13.22 -38.55 0.47
C GLN B 103 -14.02 -39.75 -0.03
N LYS B 104 -15.34 -39.57 -0.28
CA LYS B 104 -16.26 -40.61 -0.77
C LYS B 104 -15.85 -41.10 -2.17
N LEU B 105 -15.11 -40.28 -2.92
CA LEU B 105 -14.62 -40.62 -4.26
C LEU B 105 -13.34 -41.49 -4.19
N GLY B 106 -12.91 -41.86 -2.97
CA GLY B 106 -11.78 -42.75 -2.71
C GLY B 106 -10.44 -42.14 -2.34
N PHE B 107 -10.39 -40.81 -2.15
CA PHE B 107 -9.14 -40.12 -1.82
C PHE B 107 -8.97 -39.90 -0.29
N PRO B 108 -7.73 -40.03 0.24
CA PRO B 108 -7.53 -39.85 1.68
C PRO B 108 -7.43 -38.36 2.03
N ALA B 109 -8.52 -37.63 1.80
CA ALA B 109 -8.61 -36.19 2.00
C ALA B 109 -8.70 -35.82 3.48
N LYS B 110 -7.96 -34.77 3.85
CA LYS B 110 -7.88 -34.19 5.19
C LYS B 110 -8.37 -32.76 5.10
N PHE B 111 -8.56 -32.08 6.23
CA PHE B 111 -9.07 -30.71 6.21
C PHE B 111 -8.05 -29.80 6.89
N LEU B 112 -6.98 -29.49 6.17
CA LEU B 112 -5.85 -28.74 6.70
C LEU B 112 -5.78 -27.28 6.26
N ASP B 113 -5.32 -26.42 7.18
CA ASP B 113 -5.01 -25.01 7.03
C ASP B 113 -6.15 -24.20 6.40
N PHE B 114 -7.42 -24.46 6.81
CA PHE B 114 -8.57 -23.69 6.36
C PHE B 114 -8.34 -22.22 6.70
N LYS B 115 -8.54 -21.31 5.74
CA LYS B 115 -8.30 -19.89 5.94
C LYS B 115 -9.20 -19.05 5.06
N ILE B 116 -9.83 -18.03 5.65
CA ILE B 116 -10.62 -17.05 4.91
C ILE B 116 -9.60 -16.08 4.28
N GLN B 117 -9.68 -15.92 2.96
CA GLN B 117 -8.73 -15.12 2.18
C GLN B 117 -9.29 -13.75 1.74
N ASN B 118 -10.57 -13.69 1.45
CA ASN B 118 -11.23 -12.47 0.98
C ASN B 118 -12.70 -12.45 1.39
N MET B 119 -13.21 -11.27 1.74
CA MET B 119 -14.60 -11.03 2.12
C MET B 119 -15.10 -9.79 1.41
N VAL B 120 -16.30 -9.86 0.86
CA VAL B 120 -16.97 -8.77 0.16
C VAL B 120 -18.25 -8.42 0.92
N GLY B 121 -18.40 -7.15 1.25
CA GLY B 121 -19.59 -6.65 1.92
C GLY B 121 -20.23 -5.56 1.10
N SER B 122 -21.50 -5.26 1.38
CA SER B 122 -22.18 -4.20 0.68
C SER B 122 -23.20 -3.54 1.58
N CYS B 123 -23.51 -2.27 1.30
CA CYS B 123 -24.53 -1.53 2.02
C CYS B 123 -24.93 -0.27 1.26
N ASP B 124 -25.94 0.41 1.78
CA ASP B 124 -26.48 1.62 1.19
C ASP B 124 -26.52 2.69 2.28
N VAL B 125 -25.91 3.83 2.01
CA VAL B 125 -25.91 4.95 2.94
C VAL B 125 -27.23 5.78 2.80
N LYS B 126 -28.02 5.50 1.72
CA LYS B 126 -29.33 6.07 1.42
C LYS B 126 -29.33 7.60 1.18
N PHE B 127 -28.27 8.10 0.53
CA PHE B 127 -28.16 9.49 0.12
C PHE B 127 -27.19 9.55 -1.08
N PRO B 128 -27.37 10.48 -2.02
CA PRO B 128 -26.47 10.53 -3.19
C PRO B 128 -25.05 11.00 -2.87
N ILE B 129 -24.03 10.54 -3.63
CA ILE B 129 -22.62 10.86 -3.35
C ILE B 129 -21.90 11.58 -4.51
N ARG B 130 -21.38 12.79 -4.28
CA ARG B 130 -20.67 13.53 -5.32
C ARG B 130 -19.24 13.01 -5.42
N LEU B 131 -19.08 11.96 -6.23
CA LEU B 131 -17.83 11.28 -6.51
C LEU B 131 -16.75 12.25 -6.98
N GLU B 132 -17.10 13.24 -7.81
CA GLU B 132 -16.14 14.22 -8.34
C GLU B 132 -15.56 15.10 -7.22
N GLY B 133 -16.32 15.24 -6.13
CA GLY B 133 -15.93 16.02 -4.94
C GLY B 133 -15.05 15.20 -4.03
N LEU B 134 -15.41 13.91 -3.85
CA LEU B 134 -14.67 12.95 -3.02
C LEU B 134 -13.27 12.72 -3.62
N VAL B 135 -13.14 12.62 -4.95
CA VAL B 135 -11.86 12.42 -5.62
C VAL B 135 -10.97 13.71 -5.45
N LEU B 136 -11.54 14.86 -5.06
CA LEU B 136 -10.75 16.09 -4.80
C LEU B 136 -10.31 16.19 -3.34
N THR B 137 -11.18 15.84 -2.41
CA THR B 137 -10.82 15.95 -0.98
C THR B 137 -9.96 14.76 -0.52
N HIS B 138 -10.12 13.60 -1.16
CA HIS B 138 -9.41 12.39 -0.79
C HIS B 138 -8.69 11.78 -1.97
N GLN B 139 -8.05 12.65 -2.76
CA GLN B 139 -7.32 12.27 -3.98
C GLN B 139 -6.32 11.11 -3.79
N GLN B 140 -5.58 11.09 -2.67
CA GLN B 140 -4.56 10.07 -2.49
C GLN B 140 -5.13 8.65 -2.28
N PHE B 141 -6.45 8.51 -2.05
CA PHE B 141 -7.06 7.19 -1.88
C PHE B 141 -8.03 6.88 -2.97
N SER B 142 -8.43 7.91 -3.71
CA SER B 142 -9.47 7.83 -4.71
C SER B 142 -8.97 7.78 -6.12
N SER B 143 -9.63 6.90 -6.90
CA SER B 143 -9.46 6.68 -8.32
C SER B 143 -10.86 6.65 -8.93
N TYR B 144 -11.24 7.74 -9.58
CA TYR B 144 -12.56 7.84 -10.18
C TYR B 144 -12.37 8.06 -11.64
N GLU B 145 -12.74 7.03 -12.43
CA GLU B 145 -12.58 7.01 -13.88
C GLU B 145 -13.95 6.74 -14.55
N PRO B 146 -14.84 7.75 -14.71
CA PRO B 146 -16.16 7.47 -15.30
C PRO B 146 -16.10 7.02 -16.77
N GLU B 147 -14.94 7.15 -17.47
CA GLU B 147 -14.74 6.66 -18.83
C GLU B 147 -14.58 5.16 -18.84
N LEU B 148 -14.37 4.55 -17.65
CA LEU B 148 -14.19 3.11 -17.51
C LEU B 148 -15.23 2.46 -16.60
N PHE B 149 -15.58 3.10 -15.45
CA PHE B 149 -16.51 2.51 -14.50
C PHE B 149 -17.28 3.61 -13.71
N PRO B 150 -18.57 3.41 -13.34
CA PRO B 150 -19.31 4.48 -12.64
C PRO B 150 -18.93 4.71 -11.20
N GLY B 151 -18.29 3.74 -10.56
CA GLY B 151 -17.91 3.85 -9.17
C GLY B 151 -16.51 4.40 -8.89
N LEU B 152 -16.38 5.10 -7.75
CA LEU B 152 -15.11 5.62 -7.27
C LEU B 152 -14.44 4.48 -6.54
N ILE B 153 -13.14 4.24 -6.80
CA ILE B 153 -12.36 3.18 -6.16
C ILE B 153 -11.59 3.84 -5.04
N TYR B 154 -11.99 3.52 -3.81
CA TYR B 154 -11.35 4.10 -2.64
C TYR B 154 -10.50 3.02 -1.99
N ARG B 155 -9.18 3.26 -1.96
CA ARG B 155 -8.20 2.34 -1.40
C ARG B 155 -7.82 2.83 0.01
N MET B 156 -8.60 2.36 1.02
CA MET B 156 -8.38 2.71 2.41
C MET B 156 -7.13 1.99 2.91
N ILE B 157 -6.32 2.67 3.72
CA ILE B 157 -5.09 2.10 4.23
C ILE B 157 -5.34 1.50 5.62
N LYS B 158 -6.17 2.15 6.45
CA LYS B 158 -6.47 1.60 7.79
C LYS B 158 -8.00 1.40 8.00
N PRO B 159 -8.56 0.17 7.90
CA PRO B 159 -7.91 -1.10 7.51
C PRO B 159 -7.64 -1.09 5.99
N ARG B 160 -6.82 -2.02 5.51
CA ARG B 160 -6.48 -2.12 4.07
C ARG B 160 -7.66 -2.77 3.33
N ILE B 161 -8.64 -1.93 2.96
CA ILE B 161 -9.88 -2.31 2.29
C ILE B 161 -10.07 -1.46 1.06
N VAL B 162 -10.59 -2.07 -0.02
CA VAL B 162 -10.93 -1.36 -1.24
C VAL B 162 -12.43 -1.21 -1.28
N LEU B 163 -12.92 0.04 -1.39
CA LEU B 163 -14.35 0.34 -1.45
C LEU B 163 -14.71 0.86 -2.83
N LEU B 164 -15.85 0.42 -3.35
CA LEU B 164 -16.39 0.91 -4.61
C LEU B 164 -17.59 1.76 -4.23
N ILE B 165 -17.47 3.09 -4.40
CA ILE B 165 -18.50 4.02 -3.97
C ILE B 165 -19.28 4.53 -5.18
N PHE B 166 -20.61 4.40 -5.14
CA PHE B 166 -21.47 4.77 -6.26
C PHE B 166 -22.27 6.03 -5.94
N VAL B 167 -22.74 6.74 -6.98
CA VAL B 167 -23.50 7.98 -6.85
C VAL B 167 -24.80 7.77 -6.06
N SER B 168 -25.38 6.56 -6.11
CA SER B 168 -26.61 6.14 -5.43
C SER B 168 -26.45 6.01 -3.92
N GLY B 169 -25.22 5.95 -3.45
CA GLY B 169 -24.98 5.78 -2.02
C GLY B 169 -24.66 4.35 -1.69
N LYS B 170 -24.78 3.46 -2.70
CA LYS B 170 -24.48 2.05 -2.53
C LYS B 170 -22.96 1.89 -2.55
N VAL B 171 -22.43 1.08 -1.60
CA VAL B 171 -21.00 0.89 -1.36
C VAL B 171 -20.68 -0.59 -1.38
N VAL B 172 -19.61 -0.97 -2.08
CA VAL B 172 -19.09 -2.32 -2.09
C VAL B 172 -17.74 -2.29 -1.32
N LEU B 173 -17.54 -3.18 -0.34
CA LEU B 173 -16.29 -3.26 0.44
C LEU B 173 -15.64 -4.60 0.17
N THR B 174 -14.34 -4.64 -0.15
CA THR B 174 -13.65 -5.91 -0.45
C THR B 174 -12.18 -5.88 0.03
N GLY B 175 -11.55 -7.06 0.08
CA GLY B 175 -10.17 -7.24 0.52
C GLY B 175 -10.02 -7.61 1.98
N ALA B 176 -11.13 -7.83 2.71
CA ALA B 176 -11.08 -8.15 4.15
C ALA B 176 -10.75 -9.61 4.42
N LYS B 177 -10.03 -9.86 5.53
CA LYS B 177 -9.65 -11.19 5.99
C LYS B 177 -10.59 -11.61 7.12
N VAL B 178 -11.13 -10.63 7.84
CA VAL B 178 -12.08 -10.85 8.95
C VAL B 178 -13.20 -9.82 8.83
N ARG B 179 -14.41 -10.23 9.27
CA ARG B 179 -15.67 -9.46 9.28
C ARG B 179 -15.46 -8.03 9.81
N ALA B 180 -14.74 -7.88 10.94
CA ALA B 180 -14.48 -6.60 11.60
C ALA B 180 -13.83 -5.56 10.68
N GLU B 181 -13.01 -6.00 9.71
CA GLU B 181 -12.33 -5.11 8.77
C GLU B 181 -13.33 -4.45 7.82
N ILE B 182 -14.41 -5.18 7.44
CA ILE B 182 -15.50 -4.65 6.59
C ILE B 182 -16.23 -3.56 7.41
N TYR B 183 -16.60 -3.87 8.67
CA TYR B 183 -17.30 -2.96 9.55
C TYR B 183 -16.47 -1.73 9.87
N GLU B 184 -15.17 -1.89 10.16
CA GLU B 184 -14.22 -0.82 10.46
C GLU B 184 -14.09 0.14 9.29
N ALA B 185 -13.92 -0.38 8.05
CA ALA B 185 -13.80 0.42 6.84
C ALA B 185 -15.06 1.22 6.57
N PHE B 186 -16.25 0.60 6.75
CA PHE B 186 -17.54 1.28 6.55
C PHE B 186 -17.75 2.36 7.59
N GLU B 187 -17.35 2.14 8.86
CA GLU B 187 -17.52 3.16 9.89
C GLU B 187 -16.60 4.34 9.63
N ASN B 188 -15.45 4.09 8.99
CA ASN B 188 -14.48 5.12 8.62
C ASN B 188 -14.96 5.94 7.44
N ILE B 189 -15.52 5.29 6.41
CA ILE B 189 -15.97 5.97 5.20
C ILE B 189 -17.26 6.74 5.40
N TYR B 190 -18.15 6.28 6.37
CA TYR B 190 -19.44 6.94 6.51
C TYR B 190 -19.39 8.45 6.80
N PRO B 191 -18.55 8.96 7.75
CA PRO B 191 -18.51 10.43 7.91
C PRO B 191 -17.90 11.14 6.69
N ILE B 192 -16.94 10.50 6.00
CA ILE B 192 -16.34 11.06 4.79
C ILE B 192 -17.42 11.23 3.73
N LEU B 193 -18.31 10.24 3.55
CA LEU B 193 -19.39 10.30 2.56
C LEU B 193 -20.48 11.30 3.00
N LYS B 194 -20.80 11.34 4.31
CA LYS B 194 -21.84 12.18 4.84
C LYS B 194 -21.47 13.65 4.59
N GLY B 195 -20.33 14.09 5.14
CA GLY B 195 -19.87 15.46 5.00
C GLY B 195 -18.41 15.60 4.63
N GLY C 65 -5.76 13.28 -35.58
CA GLY C 65 -7.21 13.42 -35.53
C GLY C 65 -7.72 14.17 -34.30
N SER C 66 -8.84 13.69 -33.69
CA SER C 66 -9.45 14.27 -32.49
C SER C 66 -8.75 13.81 -31.23
N THR C 67 -8.85 14.60 -30.14
CA THR C 67 -8.25 14.29 -28.84
C THR C 67 -9.39 14.12 -27.81
N THR C 68 -10.64 14.18 -28.30
CA THR C 68 -11.86 14.12 -27.50
C THR C 68 -12.81 13.00 -27.94
N THR C 69 -12.31 11.99 -28.68
CA THR C 69 -13.06 10.83 -29.13
C THR C 69 -13.71 10.12 -27.92
N TYR C 70 -14.98 9.74 -28.07
CA TYR C 70 -15.80 9.07 -27.05
C TYR C 70 -15.14 7.71 -26.70
N SER C 71 -15.07 7.39 -25.40
CA SER C 71 -14.44 6.14 -24.96
C SER C 71 -15.51 5.07 -24.65
N SER C 72 -15.62 4.03 -25.50
CA SER C 72 -16.57 2.93 -25.26
C SER C 72 -15.87 1.57 -25.38
N PHE C 73 -16.38 0.54 -24.65
CA PHE C 73 -15.81 -0.81 -24.72
C PHE C 73 -16.33 -1.51 -25.99
N ARG C 74 -15.47 -2.27 -26.65
CA ARG C 74 -15.82 -2.94 -27.90
C ARG C 74 -15.81 -4.41 -27.97
N LYS C 75 -15.19 -5.07 -26.99
CA LYS C 75 -15.08 -6.56 -26.92
C LYS C 75 -16.40 -7.32 -26.49
N ASN C 76 -17.56 -6.66 -26.59
CA ASN C 76 -18.89 -7.14 -26.30
C ASN C 76 -19.19 -8.25 -27.30
N TYR C 77 -19.60 -9.42 -26.78
CA TYR C 77 -19.96 -10.59 -27.64
C TYR C 77 -21.40 -11.05 -27.25
N TYR C 78 -22.31 -10.89 -28.23
CA TYR C 78 -23.75 -11.11 -28.20
C TYR C 78 -24.22 -12.57 -28.06
N SER C 79 -25.24 -12.73 -27.20
CA SER C 79 -25.97 -13.98 -26.91
C SER C 79 -27.46 -13.69 -27.09
N LYS C 80 -28.16 -14.57 -27.83
CA LYS C 80 -29.61 -14.45 -28.04
C LYS C 80 -30.38 -14.67 -26.73
N PRO C 81 -31.56 -14.03 -26.52
CA PRO C 81 -32.33 -14.30 -25.29
C PRO C 81 -32.86 -15.73 -25.27
N TRP C 82 -33.01 -16.30 -24.09
CA TRP C 82 -33.45 -17.68 -23.95
C TRP C 82 -34.95 -17.78 -24.07
N SER C 83 -35.41 -18.62 -25.02
CA SER C 83 -36.83 -18.92 -25.24
C SER C 83 -37.33 -19.64 -23.99
N ASN C 84 -38.60 -19.42 -23.60
CA ASN C 84 -39.19 -20.05 -22.42
C ASN C 84 -38.99 -21.58 -22.47
N LYS C 85 -39.13 -22.20 -23.66
CA LYS C 85 -38.91 -23.64 -23.84
C LYS C 85 -37.42 -23.98 -24.04
N GLU C 86 -36.57 -23.02 -24.49
CA GLU C 86 -35.10 -23.22 -24.60
C GLU C 86 -34.51 -23.27 -23.18
N THR C 87 -35.21 -22.62 -22.24
CA THR C 87 -34.92 -22.62 -20.80
C THR C 87 -35.33 -23.98 -20.24
N ASP C 88 -36.52 -24.51 -20.64
CA ASP C 88 -37.08 -25.76 -20.16
C ASP C 88 -36.09 -26.84 -20.50
N MET C 89 -35.50 -26.70 -21.67
CA MET C 89 -34.49 -27.60 -22.23
C MET C 89 -33.15 -27.47 -21.50
N PHE C 90 -32.77 -26.23 -21.08
CA PHE C 90 -31.56 -25.98 -20.27
C PHE C 90 -31.67 -26.76 -18.97
N PHE C 91 -32.84 -26.69 -18.28
CA PHE C 91 -33.10 -27.40 -17.03
C PHE C 91 -33.17 -28.92 -17.24
N LEU C 92 -33.42 -29.38 -18.49
CA LEU C 92 -33.39 -30.80 -18.82
C LEU C 92 -31.92 -31.26 -18.78
N ALA C 93 -31.00 -30.38 -19.23
CA ALA C 93 -29.56 -30.64 -19.27
C ALA C 93 -28.95 -30.73 -17.85
N ILE C 94 -29.47 -29.95 -16.87
CA ILE C 94 -29.03 -30.04 -15.48
C ILE C 94 -29.52 -31.40 -14.89
N SER C 95 -30.66 -31.93 -15.39
CA SER C 95 -31.19 -33.23 -14.95
C SER C 95 -30.36 -34.41 -15.51
N MET C 96 -29.95 -34.31 -16.81
CA MET C 96 -29.16 -35.35 -17.51
C MET C 96 -27.64 -35.29 -17.18
N VAL C 97 -27.02 -34.09 -17.27
CA VAL C 97 -25.58 -33.88 -17.08
C VAL C 97 -25.22 -33.51 -15.64
N GLY C 98 -25.92 -32.55 -15.07
CA GLY C 98 -25.62 -32.01 -13.76
C GLY C 98 -25.17 -30.57 -13.91
N THR C 99 -23.97 -30.22 -13.43
CA THR C 99 -23.50 -28.84 -13.57
C THR C 99 -22.24 -28.71 -14.46
N ASP C 100 -21.91 -29.76 -15.25
CA ASP C 100 -20.77 -29.72 -16.20
C ASP C 100 -21.24 -28.90 -17.41
N PHE C 101 -20.97 -27.59 -17.39
CA PHE C 101 -21.42 -26.61 -18.38
C PHE C 101 -20.86 -26.83 -19.78
N SER C 102 -19.62 -27.35 -19.91
CA SER C 102 -19.03 -27.61 -21.21
C SER C 102 -19.79 -28.70 -21.96
N MET C 103 -20.21 -29.77 -21.24
CA MET C 103 -20.96 -30.90 -21.78
C MET C 103 -22.36 -30.43 -22.19
N ILE C 104 -22.96 -29.54 -21.39
CA ILE C 104 -24.28 -28.98 -21.68
C ILE C 104 -24.17 -28.06 -22.93
N GLY C 105 -23.06 -27.31 -23.03
CA GLY C 105 -22.75 -26.45 -24.17
C GLY C 105 -22.55 -27.19 -25.49
N GLN C 106 -22.38 -28.54 -25.40
CA GLN C 106 -22.22 -29.49 -26.50
C GLN C 106 -23.59 -30.00 -26.90
N LEU C 107 -24.54 -30.01 -25.94
CA LEU C 107 -25.93 -30.42 -26.17
C LEU C 107 -26.69 -29.30 -26.91
N PHE C 108 -26.21 -28.04 -26.76
CA PHE C 108 -26.76 -26.87 -27.44
C PHE C 108 -25.78 -26.49 -28.55
N PRO C 109 -26.16 -26.62 -29.83
CA PRO C 109 -25.21 -26.34 -30.93
C PRO C 109 -24.87 -24.86 -31.10
N HIS C 110 -25.85 -23.95 -30.84
CA HIS C 110 -25.68 -22.50 -30.98
C HIS C 110 -25.54 -21.76 -29.63
N ARG C 111 -25.14 -22.49 -28.57
CA ARG C 111 -24.85 -21.94 -27.24
C ARG C 111 -23.43 -22.37 -26.80
N ALA C 112 -22.57 -21.38 -26.47
CA ALA C 112 -21.18 -21.59 -26.02
C ALA C 112 -21.13 -22.07 -24.57
N ARG C 113 -19.96 -22.50 -24.10
CA ARG C 113 -19.83 -22.92 -22.72
C ARG C 113 -20.23 -21.79 -21.74
N ILE C 114 -19.73 -20.54 -21.96
CA ILE C 114 -19.98 -19.31 -21.18
C ILE C 114 -21.48 -19.04 -21.11
N GLU C 115 -22.21 -19.13 -22.25
CA GLU C 115 -23.65 -18.91 -22.38
C GLU C 115 -24.45 -19.79 -21.44
N ILE C 116 -23.97 -21.04 -21.20
CA ILE C 116 -24.59 -22.04 -20.30
C ILE C 116 -24.31 -21.64 -18.86
N LYS C 117 -23.06 -21.29 -18.59
CA LYS C 117 -22.62 -20.91 -17.26
C LYS C 117 -23.36 -19.57 -16.80
N ASN C 118 -23.45 -18.52 -17.70
CA ASN C 118 -24.16 -17.29 -17.40
C ASN C 118 -25.66 -17.57 -17.18
N LYS C 119 -26.27 -18.41 -18.04
CA LYS C 119 -27.69 -18.81 -17.91
C LYS C 119 -27.91 -19.44 -16.52
N PHE C 120 -27.02 -20.41 -16.15
CA PHE C 120 -27.04 -21.06 -14.85
C PHE C 120 -26.97 -20.03 -13.72
N LYS C 121 -26.00 -19.09 -13.77
CA LYS C 121 -25.79 -18.06 -12.75
C LYS C 121 -26.96 -17.05 -12.66
N ARG C 122 -27.73 -16.84 -13.77
CA ARG C 122 -28.93 -15.96 -13.80
C ARG C 122 -30.10 -16.67 -13.15
N GLU C 123 -30.34 -17.94 -13.57
CA GLU C 123 -31.38 -18.81 -13.05
C GLU C 123 -31.15 -19.03 -11.57
N GLU C 124 -29.90 -19.23 -11.16
CA GLU C 124 -29.44 -19.36 -9.76
C GLU C 124 -30.00 -18.24 -8.89
N LYS C 125 -29.95 -16.98 -9.40
CA LYS C 125 -30.40 -15.79 -8.70
C LYS C 125 -31.91 -15.74 -8.61
N THR C 126 -32.57 -15.49 -9.76
CA THR C 126 -33.99 -15.26 -9.94
C THR C 126 -34.89 -16.49 -9.65
N ASN C 127 -34.47 -17.71 -10.07
CA ASN C 127 -35.27 -18.94 -9.89
C ASN C 127 -34.41 -20.07 -9.30
N GLY C 128 -33.95 -19.87 -8.05
CA GLY C 128 -33.12 -20.83 -7.32
C GLY C 128 -33.76 -22.20 -7.16
N TRP C 129 -35.06 -22.22 -6.84
CA TRP C 129 -35.92 -23.38 -6.66
C TRP C 129 -35.91 -24.35 -7.86
N ARG C 130 -35.68 -23.82 -9.08
CA ARG C 130 -35.70 -24.60 -10.33
C ARG C 130 -34.36 -25.29 -10.58
N ILE C 131 -33.24 -24.65 -10.19
CA ILE C 131 -31.87 -25.16 -10.31
C ILE C 131 -31.71 -26.35 -9.33
N ASP C 132 -32.19 -26.17 -8.09
CA ASP C 132 -32.14 -27.17 -7.02
C ASP C 132 -33.01 -28.39 -7.37
N LYS C 133 -34.22 -28.18 -7.93
CA LYS C 133 -35.17 -29.22 -8.34
C LYS C 133 -34.60 -30.07 -9.49
N ALA C 134 -34.04 -29.43 -10.54
CA ALA C 134 -33.47 -30.11 -11.72
C ALA C 134 -32.26 -30.98 -11.34
N PHE C 135 -31.49 -30.56 -10.33
CA PHE C 135 -30.35 -31.37 -9.90
C PHE C 135 -30.83 -32.57 -9.05
N GLN C 136 -31.71 -32.33 -8.05
CA GLN C 136 -32.29 -33.37 -7.19
C GLN C 136 -33.09 -34.41 -8.02
N GLU C 137 -33.72 -33.94 -9.13
CA GLU C 137 -34.48 -34.77 -10.07
C GLU C 137 -33.54 -35.33 -11.13
N LYS C 138 -32.69 -36.30 -10.73
CA LYS C 138 -31.74 -37.00 -11.60
C LYS C 138 -32.50 -37.68 -12.74
N ARG C 139 -31.91 -37.69 -13.94
CA ARG C 139 -32.55 -38.26 -15.14
C ARG C 139 -31.52 -38.95 -16.06
N PRO C 140 -31.87 -40.11 -16.69
CA PRO C 140 -30.93 -40.78 -17.59
C PRO C 140 -30.46 -39.85 -18.71
N PHE C 141 -29.13 -39.74 -18.87
CA PHE C 141 -28.53 -38.86 -19.85
C PHE C 141 -28.51 -39.51 -21.25
N ASP C 142 -29.46 -39.08 -22.10
CA ASP C 142 -29.61 -39.52 -23.49
C ASP C 142 -29.26 -38.35 -24.40
N PHE C 143 -28.03 -38.32 -24.96
CA PHE C 143 -27.52 -37.27 -25.84
C PHE C 143 -28.41 -37.09 -27.07
N ASP C 144 -28.69 -38.21 -27.78
CA ASP C 144 -29.49 -38.27 -29.01
C ASP C 144 -30.91 -37.69 -28.82
N PHE C 145 -31.61 -38.11 -27.74
CA PHE C 145 -32.95 -37.65 -27.39
C PHE C 145 -32.97 -36.13 -27.16
N PHE C 146 -31.92 -35.59 -26.50
CA PHE C 146 -31.83 -34.16 -26.23
C PHE C 146 -31.70 -33.38 -27.54
N ALA C 147 -30.80 -33.83 -28.44
CA ALA C 147 -30.53 -33.20 -29.74
C ALA C 147 -31.79 -33.06 -30.59
N HIS C 148 -32.55 -34.17 -30.76
CA HIS C 148 -33.80 -34.21 -31.54
C HIS C 148 -34.86 -33.35 -30.88
N LEU C 149 -35.01 -33.44 -29.55
CA LEU C 149 -35.98 -32.66 -28.79
C LEU C 149 -35.66 -31.16 -28.86
N LEU C 150 -34.37 -30.76 -28.75
CA LEU C 150 -33.95 -29.37 -28.84
C LEU C 150 -34.20 -28.80 -30.25
N GLN C 151 -33.86 -29.56 -31.31
CA GLN C 151 -34.07 -29.14 -32.71
C GLN C 151 -35.56 -28.89 -32.99
N LYS C 152 -36.45 -29.73 -32.41
CA LYS C 152 -37.91 -29.64 -32.57
C LYS C 152 -38.50 -28.47 -31.76
N VAL C 153 -38.09 -28.31 -30.47
CA VAL C 153 -38.52 -27.24 -29.53
C VAL C 153 -38.18 -25.85 -30.11
N LEU C 154 -36.92 -25.67 -30.63
CA LEU C 154 -36.43 -24.43 -31.25
C LEU C 154 -37.12 -24.14 -32.61
N ALA C 155 -37.75 -25.15 -33.21
CA ALA C 155 -38.46 -25.03 -34.48
C ALA C 155 -39.95 -24.71 -34.29
N GLU C 156 -40.67 -25.60 -33.55
CA GLU C 156 -42.11 -25.59 -33.26
C GLU C 156 -42.58 -24.34 -32.54
N GLU C 157 -41.88 -23.95 -31.46
CA GLU C 157 -42.19 -22.78 -30.64
C GLU C 157 -41.95 -21.48 -31.43
N GLU C 158 -40.89 -21.46 -32.29
CA GLU C 158 -40.53 -20.33 -33.18
C GLU C 158 -41.62 -20.15 -34.23
N LYS C 159 -42.23 -21.27 -34.65
CA LYS C 159 -43.33 -21.29 -35.61
C LYS C 159 -44.59 -20.72 -34.96
N ARG C 160 -44.95 -21.24 -33.75
CA ARG C 160 -46.15 -20.80 -33.00
C ARG C 160 -46.02 -19.35 -32.50
N LYS C 161 -44.77 -18.80 -32.44
CA LYS C 161 -44.48 -17.42 -32.03
C LYS C 161 -44.56 -16.49 -33.24
N VAL F 23 3.18 25.24 -10.49
CA VAL F 23 2.74 26.64 -10.57
C VAL F 23 2.99 27.37 -9.22
N SER F 24 2.97 26.62 -8.10
CA SER F 24 3.22 27.08 -6.73
C SER F 24 4.60 27.77 -6.61
N ARG F 25 4.68 28.92 -5.90
CA ARG F 25 5.91 29.67 -5.68
C ARG F 25 6.99 28.81 -5.02
N SER F 26 6.61 27.94 -4.07
CA SER F 26 7.55 27.07 -3.36
C SER F 26 8.01 25.92 -4.23
N GLN F 27 7.18 25.52 -5.23
CA GLN F 27 7.49 24.46 -6.18
C GLN F 27 8.50 24.99 -7.17
N GLN F 28 8.22 26.18 -7.78
CA GLN F 28 9.10 26.86 -8.75
C GLN F 28 10.48 27.07 -8.13
N ARG F 29 10.54 27.53 -6.86
CA ARG F 29 11.76 27.77 -6.08
C ARG F 29 12.52 26.45 -5.87
N GLY F 30 11.78 25.38 -5.56
CA GLY F 30 12.29 24.04 -5.32
C GLY F 30 12.90 23.43 -6.56
N LEU F 31 12.18 23.58 -7.70
CA LEU F 31 12.57 23.09 -9.02
C LEU F 31 13.79 23.85 -9.55
N ARG F 32 13.96 25.11 -9.15
CA ARG F 32 15.14 25.91 -9.48
C ARG F 32 16.30 25.38 -8.67
N ARG F 33 16.07 25.06 -7.37
CA ARG F 33 17.10 24.52 -6.45
C ARG F 33 17.56 23.15 -6.90
N VAL F 34 16.64 22.30 -7.44
CA VAL F 34 16.93 20.96 -7.98
C VAL F 34 17.91 21.10 -9.13
N ARG F 35 17.56 21.99 -10.11
CA ARG F 35 18.43 22.25 -11.25
C ARG F 35 19.77 22.85 -10.82
N ASP F 36 19.72 23.75 -9.84
CA ASP F 36 20.96 24.38 -9.35
C ASP F 36 21.89 23.28 -8.76
N LEU F 37 21.38 22.38 -7.86
CA LEU F 37 22.13 21.32 -7.21
C LEU F 37 22.79 20.37 -8.23
N CYS F 38 22.07 20.01 -9.30
CA CYS F 38 22.57 19.16 -10.37
C CYS F 38 23.74 19.83 -11.07
N ARG F 39 23.66 21.17 -11.29
CA ARG F 39 24.71 21.93 -11.97
C ARG F 39 25.97 22.06 -11.08
N VAL F 40 25.77 22.24 -9.76
CA VAL F 40 26.83 22.37 -8.76
C VAL F 40 27.58 21.02 -8.65
N LEU F 41 26.83 19.91 -8.70
CA LEU F 41 27.38 18.55 -8.62
C LEU F 41 27.98 18.08 -9.96
N GLN F 42 27.81 18.88 -11.04
CA GLN F 42 28.32 18.61 -12.41
C GLN F 42 27.77 17.25 -12.93
N LEU F 43 26.51 16.94 -12.57
CA LEU F 43 25.73 15.76 -12.97
C LEU F 43 25.53 15.69 -14.49
N PRO F 44 25.21 14.53 -15.11
CA PRO F 44 24.97 14.52 -16.56
C PRO F 44 23.69 15.29 -16.92
N PRO F 45 23.49 15.75 -18.20
CA PRO F 45 22.28 16.55 -18.53
C PRO F 45 20.94 15.82 -18.29
N THR F 46 20.89 14.48 -18.45
CA THR F 46 19.67 13.67 -18.29
C THR F 46 19.18 13.59 -16.82
N PHE F 47 20.10 13.72 -15.83
CA PHE F 47 19.74 13.66 -14.40
C PHE F 47 18.81 14.78 -13.90
N GLU F 48 19.05 15.99 -14.35
CA GLU F 48 18.28 17.18 -13.94
C GLU F 48 16.76 16.96 -14.16
N ASP F 49 16.38 16.47 -15.35
CA ASP F 49 15.01 16.17 -15.80
C ASP F 49 14.33 15.04 -14.96
N THR F 50 15.03 13.96 -14.67
CA THR F 50 14.55 12.87 -13.81
C THR F 50 14.27 13.37 -12.36
N ALA F 51 15.22 14.16 -11.79
CA ALA F 51 15.18 14.70 -10.44
C ALA F 51 14.09 15.73 -10.29
N VAL F 52 13.93 16.59 -11.33
CA VAL F 52 12.87 17.61 -11.34
C VAL F 52 11.52 16.89 -11.31
N ALA F 53 11.33 15.84 -12.15
CA ALA F 53 10.11 15.05 -12.21
C ALA F 53 9.73 14.40 -10.86
N TYR F 54 10.72 13.92 -10.11
CA TYR F 54 10.48 13.35 -8.78
C TYR F 54 9.98 14.43 -7.82
N TYR F 55 10.55 15.66 -7.90
CA TYR F 55 10.19 16.79 -7.04
C TYR F 55 8.75 17.22 -7.31
N GLN F 56 8.34 17.20 -8.59
CA GLN F 56 6.98 17.55 -9.04
C GLN F 56 6.00 16.52 -8.52
N GLN F 57 6.36 15.22 -8.64
CA GLN F 57 5.59 14.08 -8.16
C GLN F 57 5.43 14.18 -6.62
N ALA F 58 6.54 14.45 -5.91
CA ALA F 58 6.57 14.61 -4.46
C ALA F 58 5.57 15.70 -4.05
N TYR F 59 5.50 16.82 -4.83
CA TYR F 59 4.58 17.94 -4.55
C TYR F 59 3.11 17.60 -4.66
N ARG F 60 2.76 16.56 -5.44
CA ARG F 60 1.37 16.12 -5.63
C ARG F 60 0.76 15.57 -4.33
N HIS F 61 1.59 15.22 -3.32
CA HIS F 61 1.10 14.76 -2.02
C HIS F 61 0.93 15.98 -1.12
N SER F 62 -0.27 16.16 -0.49
CA SER F 62 -0.61 17.30 0.37
C SER F 62 0.38 17.47 1.54
N GLY F 63 0.86 16.34 2.07
CA GLY F 63 1.82 16.25 3.16
C GLY F 63 3.17 16.83 2.81
N ILE F 64 3.52 16.82 1.52
CA ILE F 64 4.77 17.40 1.02
C ILE F 64 4.52 18.86 0.71
N ARG F 65 3.38 19.18 0.09
CA ARG F 65 3.01 20.56 -0.25
C ARG F 65 2.93 21.44 1.03
N ALA F 66 2.40 20.91 2.13
CA ALA F 66 2.27 21.63 3.40
C ALA F 66 3.49 21.45 4.33
N ALA F 67 4.54 20.73 3.88
CA ALA F 67 5.75 20.50 4.69
C ALA F 67 6.53 21.79 4.90
N ARG F 68 7.38 21.83 5.96
CA ARG F 68 8.19 23.00 6.28
C ARG F 68 9.16 23.26 5.16
N LEU F 69 9.56 24.52 4.96
CA LEU F 69 10.50 24.90 3.90
C LEU F 69 11.82 24.14 4.04
N GLN F 70 12.20 23.74 5.29
CA GLN F 70 13.42 22.96 5.56
C GLN F 70 13.26 21.55 4.93
N LYS F 71 12.05 20.94 5.03
CA LYS F 71 11.81 19.63 4.43
C LYS F 71 11.84 19.76 2.92
N LYS F 72 11.32 20.87 2.39
CA LYS F 72 11.31 21.13 0.94
C LYS F 72 12.74 21.34 0.43
N GLU F 73 13.66 21.77 1.32
CA GLU F 73 15.07 21.94 0.97
C GLU F 73 15.75 20.57 0.93
N VAL F 74 15.54 19.73 1.95
CA VAL F 74 16.03 18.35 2.03
C VAL F 74 15.47 17.52 0.84
N LEU F 75 14.16 17.72 0.50
CA LEU F 75 13.46 17.04 -0.60
C LEU F 75 14.19 17.25 -1.95
N VAL F 76 14.78 18.45 -2.16
CA VAL F 76 15.59 18.80 -3.34
C VAL F 76 16.72 17.79 -3.41
N GLY F 77 17.35 17.53 -2.26
CA GLY F 77 18.45 16.58 -2.14
C GLY F 77 18.06 15.13 -2.32
N CYS F 78 16.85 14.76 -1.85
CA CYS F 78 16.35 13.39 -1.94
C CYS F 78 16.11 13.02 -3.38
N CYS F 79 15.46 13.91 -4.17
CA CYS F 79 15.17 13.66 -5.59
C CYS F 79 16.46 13.61 -6.41
N VAL F 80 17.41 14.52 -6.14
CA VAL F 80 18.71 14.58 -6.80
C VAL F 80 19.54 13.31 -6.46
N LEU F 81 19.44 12.81 -5.19
CA LEU F 81 20.16 11.61 -4.74
C LEU F 81 19.62 10.40 -5.42
N ILE F 82 18.30 10.18 -5.34
CA ILE F 82 17.61 9.02 -5.93
C ILE F 82 18.02 8.89 -7.41
N THR F 83 18.02 10.00 -8.16
CA THR F 83 18.44 10.00 -9.57
C THR F 83 19.90 9.49 -9.72
N CYS F 84 20.85 9.93 -8.86
CA CYS F 84 22.24 9.50 -8.96
C CYS F 84 22.34 7.99 -8.66
N ARG F 85 21.61 7.54 -7.62
CA ARG F 85 21.55 6.14 -7.17
C ARG F 85 21.03 5.19 -8.23
N GLN F 86 20.06 5.64 -8.99
CA GLN F 86 19.49 4.84 -10.04
C GLN F 86 20.40 4.84 -11.27
N HIS F 87 21.47 5.68 -11.24
CA HIS F 87 22.42 5.84 -12.34
C HIS F 87 23.85 5.46 -11.92
N ASN F 88 23.95 4.73 -10.78
CA ASN F 88 25.17 4.24 -10.13
C ASN F 88 26.20 5.39 -10.02
N TRP F 89 25.69 6.63 -9.84
CA TRP F 89 26.48 7.83 -9.70
C TRP F 89 26.83 7.99 -8.23
N PRO F 90 28.13 7.92 -7.90
CA PRO F 90 28.58 7.94 -6.50
C PRO F 90 28.27 9.22 -5.69
N LEU F 91 27.01 9.40 -5.26
CA LEU F 91 26.61 10.54 -4.44
C LEU F 91 26.12 10.01 -3.11
N THR F 92 26.78 10.48 -2.05
CA THR F 92 26.50 10.07 -0.67
C THR F 92 25.55 11.07 -0.01
N MET F 93 24.80 10.58 1.01
CA MET F 93 23.89 11.34 1.83
C MET F 93 24.67 12.41 2.60
N GLY F 94 25.94 12.11 2.96
CA GLY F 94 26.85 13.02 3.63
C GLY F 94 27.21 14.21 2.78
N ALA F 95 27.41 13.99 1.46
CA ALA F 95 27.72 15.06 0.50
C ALA F 95 26.54 16.01 0.35
N ILE F 96 25.34 15.44 0.28
CA ILE F 96 24.09 16.19 0.11
C ILE F 96 23.79 17.00 1.39
N CYS F 97 23.95 16.38 2.58
CA CYS F 97 23.73 17.05 3.86
C CYS F 97 24.63 18.26 4.02
N THR F 98 25.89 18.17 3.50
CA THR F 98 26.87 19.24 3.60
C THR F 98 26.41 20.43 2.76
N LEU F 99 25.98 20.14 1.52
CA LEU F 99 25.52 21.13 0.55
C LEU F 99 24.21 21.76 1.00
N LEU F 100 23.31 20.99 1.64
CA LEU F 100 22.01 21.51 2.08
C LEU F 100 22.02 22.03 3.51
N TYR F 101 23.16 21.97 4.23
CA TYR F 101 23.28 22.37 5.65
C TYR F 101 22.18 21.65 6.46
N ALA F 102 22.05 20.34 6.22
CA ALA F 102 21.05 19.45 6.82
C ALA F 102 21.71 18.40 7.71
N ASP F 103 21.10 18.05 8.86
CA ASP F 103 21.66 16.94 9.66
C ASP F 103 21.26 15.62 9.04
N LEU F 104 22.03 14.53 9.25
CA LEU F 104 21.67 13.24 8.62
C LEU F 104 20.33 12.70 9.11
N ASP F 105 19.94 12.90 10.39
CA ASP F 105 18.63 12.39 10.85
C ASP F 105 17.44 13.18 10.25
N VAL F 106 17.67 14.45 9.93
CA VAL F 106 16.72 15.34 9.27
C VAL F 106 16.55 14.85 7.83
N PHE F 107 17.67 14.45 7.19
CA PHE F 107 17.68 13.93 5.83
C PHE F 107 17.12 12.51 5.77
N SER F 108 17.42 11.66 6.79
CA SER F 108 16.91 10.30 6.91
C SER F 108 15.39 10.28 6.97
N SER F 109 14.78 11.21 7.75
CA SER F 109 13.34 11.39 7.95
C SER F 109 12.65 11.58 6.63
N THR F 110 13.12 12.56 5.83
CA THR F 110 12.56 12.94 4.53
C THR F 110 12.81 11.86 3.48
N TYR F 111 14.02 11.29 3.42
CA TYR F 111 14.39 10.28 2.42
C TYR F 111 13.55 9.01 2.57
N MET F 112 13.48 8.47 3.81
CA MET F 112 12.69 7.27 4.10
C MET F 112 11.20 7.49 3.76
N GLN F 113 10.66 8.70 4.06
CA GLN F 113 9.27 9.08 3.81
C GLN F 113 8.97 9.12 2.32
N ILE F 114 9.79 9.88 1.53
CA ILE F 114 9.57 10.08 0.11
C ILE F 114 9.75 8.76 -0.70
N VAL F 115 10.63 7.85 -0.26
CA VAL F 115 10.85 6.56 -0.94
C VAL F 115 9.59 5.71 -0.73
N LYS F 116 8.99 5.74 0.47
CA LYS F 116 7.75 5.04 0.81
C LYS F 116 6.55 5.65 0.06
N LEU F 117 6.49 6.99 0.06
CA LEU F 117 5.43 7.80 -0.53
C LEU F 117 5.38 7.66 -2.04
N LEU F 118 6.53 7.78 -2.73
CA LEU F 118 6.59 7.65 -4.19
C LEU F 118 6.78 6.17 -4.64
N GLY F 119 6.89 5.25 -3.67
CA GLY F 119 7.06 3.81 -3.87
C GLY F 119 8.23 3.48 -4.77
N LEU F 120 9.34 4.19 -4.59
CA LEU F 120 10.56 4.07 -5.37
C LEU F 120 11.46 2.97 -4.88
N ASP F 121 12.29 2.50 -5.84
CA ASP F 121 13.28 1.46 -5.61
C ASP F 121 14.58 2.26 -5.74
N VAL F 122 15.43 2.22 -4.71
CA VAL F 122 16.66 2.98 -4.75
C VAL F 122 17.80 2.00 -4.71
N PRO F 123 18.53 1.85 -5.85
CA PRO F 123 19.66 0.90 -5.91
C PRO F 123 20.72 1.23 -4.87
N SER F 124 21.53 0.26 -4.49
CA SER F 124 22.55 0.51 -3.47
C SER F 124 23.68 1.38 -4.03
N LEU F 125 24.56 1.91 -3.16
CA LEU F 125 25.69 2.70 -3.62
C LEU F 125 26.59 1.81 -4.52
N CYS F 126 26.93 2.29 -5.73
CA CYS F 126 27.83 1.53 -6.54
C CYS F 126 29.22 1.80 -6.03
N LEU F 127 29.78 0.81 -5.28
CA LEU F 127 31.10 0.81 -4.66
C LEU F 127 32.19 1.06 -5.64
N ALA F 128 32.18 0.35 -6.78
CA ALA F 128 33.20 0.56 -7.80
C ALA F 128 33.31 2.06 -8.21
N GLU F 129 32.17 2.77 -8.29
CA GLU F 129 32.10 4.17 -8.70
C GLU F 129 32.51 5.10 -7.54
N LEU F 130 32.21 4.69 -6.30
CA LEU F 130 32.57 5.41 -5.09
C LEU F 130 34.08 5.27 -4.83
N VAL F 131 34.69 4.15 -5.23
CA VAL F 131 36.13 3.94 -5.12
C VAL F 131 36.83 4.93 -6.08
N LYS F 132 36.40 5.01 -7.35
CA LYS F 132 37.00 5.89 -8.34
C LYS F 132 36.96 7.39 -7.92
N THR F 133 35.78 7.90 -7.54
CA THR F 133 35.59 9.32 -7.21
C THR F 133 36.28 9.69 -5.89
N TYR F 134 36.13 8.82 -4.86
CA TYR F 134 36.65 9.03 -3.53
C TYR F 134 38.19 8.97 -3.54
N CYS F 135 38.78 7.96 -4.17
CA CYS F 135 40.23 7.83 -4.24
C CYS F 135 40.90 8.87 -5.10
N SER F 136 40.25 9.41 -6.12
CA SER F 136 40.83 10.46 -6.97
C SER F 136 41.00 11.77 -6.19
N SER F 137 40.23 11.94 -5.07
CA SER F 137 40.32 13.10 -4.18
C SER F 137 41.56 13.01 -3.22
N PHE F 138 42.19 11.81 -3.09
CA PHE F 138 43.41 11.58 -2.29
C PHE F 138 44.56 12.27 -3.01
N LYS F 139 45.15 13.30 -2.41
CA LYS F 139 46.20 14.12 -3.03
C LYS F 139 47.58 13.48 -2.88
N LEU F 140 47.78 12.29 -3.50
CA LEU F 140 49.01 11.50 -3.41
C LEU F 140 49.60 11.18 -4.75
N PHE F 141 49.24 11.93 -5.78
CA PHE F 141 49.70 11.61 -7.13
C PHE F 141 50.73 12.61 -7.67
N GLN F 142 51.14 13.57 -6.83
CA GLN F 142 52.17 14.55 -7.12
C GLN F 142 52.89 14.88 -5.82
N ALA F 143 54.20 15.16 -5.88
CA ALA F 143 54.91 15.53 -4.67
C ALA F 143 54.55 16.96 -4.29
N SER F 144 54.64 17.29 -3.00
CA SER F 144 54.35 18.62 -2.44
C SER F 144 55.08 18.75 -1.10
N PRO F 145 55.16 19.95 -0.47
CA PRO F 145 55.85 20.03 0.84
C PRO F 145 55.35 18.99 1.86
N SER F 146 54.02 18.70 1.85
CA SER F 146 53.35 17.76 2.76
C SER F 146 53.29 16.32 2.21
N VAL F 147 53.57 16.11 0.90
CA VAL F 147 53.55 14.78 0.27
C VAL F 147 54.98 14.48 -0.24
N PRO F 148 55.82 13.83 0.59
CA PRO F 148 57.17 13.47 0.13
C PRO F 148 57.15 12.44 -1.01
N ALA F 149 58.21 12.43 -1.82
CA ALA F 149 58.42 11.54 -2.97
C ALA F 149 58.05 10.09 -2.70
N LYS F 150 58.43 9.53 -1.54
CA LYS F 150 58.17 8.12 -1.19
C LYS F 150 56.69 7.84 -0.90
N TYR F 151 55.85 8.87 -0.63
CA TYR F 151 54.41 8.68 -0.38
C TYR F 151 53.58 8.94 -1.67
N VAL F 152 54.23 9.37 -2.79
CA VAL F 152 53.59 9.60 -4.10
C VAL F 152 53.33 8.23 -4.74
N GLU F 153 52.08 8.01 -5.21
CA GLU F 153 51.70 6.74 -5.84
C GLU F 153 50.99 6.97 -7.19
N ASP F 154 51.04 5.97 -8.10
CA ASP F 154 50.35 6.05 -9.39
C ASP F 154 48.87 5.91 -9.14
N LYS F 155 48.06 6.81 -9.70
CA LYS F 155 46.61 6.86 -9.49
C LYS F 155 45.95 5.55 -9.91
N GLU F 156 46.28 5.01 -11.11
CA GLU F 156 45.65 3.79 -11.61
C GLU F 156 46.02 2.57 -10.79
N LYS F 157 47.32 2.44 -10.38
CA LYS F 157 47.82 1.33 -9.57
C LYS F 157 47.11 1.28 -8.24
N MET F 158 46.91 2.44 -7.60
CA MET F 158 46.27 2.52 -6.29
C MET F 158 44.78 2.26 -6.40
N LEU F 159 44.13 2.69 -7.52
CA LEU F 159 42.69 2.47 -7.76
C LEU F 159 42.42 1.01 -7.92
N SER F 160 43.17 0.35 -8.83
CA SER F 160 43.07 -1.09 -9.11
C SER F 160 43.25 -1.94 -7.84
N ARG F 161 44.16 -1.52 -6.95
CA ARG F 161 44.37 -2.29 -5.73
C ARG F 161 43.26 -2.04 -4.70
N THR F 162 42.89 -0.77 -4.45
CA THR F 162 41.84 -0.49 -3.47
C THR F 162 40.54 -1.17 -3.93
N MET F 163 40.26 -1.19 -5.24
CA MET F 163 39.07 -1.88 -5.75
C MET F 163 39.13 -3.35 -5.39
N GLN F 164 40.33 -4.00 -5.50
CA GLN F 164 40.55 -5.40 -5.17
C GLN F 164 40.38 -5.65 -3.68
N LEU F 165 40.85 -4.71 -2.86
CA LEU F 165 40.74 -4.81 -1.43
C LEU F 165 39.27 -4.63 -1.00
N VAL F 166 38.52 -3.71 -1.64
CA VAL F 166 37.09 -3.47 -1.35
C VAL F 166 36.27 -4.71 -1.74
N GLU F 167 36.58 -5.33 -2.89
CA GLU F 167 35.96 -6.57 -3.33
C GLU F 167 36.22 -7.67 -2.29
N LEU F 168 37.47 -7.73 -1.75
CA LEU F 168 37.88 -8.70 -0.73
C LEU F 168 37.05 -8.52 0.55
N ALA F 169 36.92 -7.26 1.02
CA ALA F 169 36.12 -6.91 2.20
C ALA F 169 34.65 -7.31 1.97
N ASN F 170 34.16 -7.16 0.72
CA ASN F 170 32.78 -7.48 0.38
C ASN F 170 32.57 -8.99 0.41
N GLU F 171 33.48 -9.76 -0.16
CA GLU F 171 33.39 -11.22 -0.19
C GLU F 171 33.47 -11.85 1.23
N THR F 172 34.22 -11.19 2.15
CA THR F 172 34.49 -11.68 3.52
C THR F 172 33.63 -10.97 4.60
N TRP F 173 32.43 -10.45 4.17
CA TRP F 173 31.35 -9.88 4.99
C TRP F 173 31.68 -8.64 5.80
N LEU F 174 32.69 -7.82 5.38
CA LEU F 174 33.06 -6.58 6.07
C LEU F 174 32.28 -5.37 5.58
N VAL F 175 31.53 -5.50 4.45
CA VAL F 175 30.76 -4.39 3.81
C VAL F 175 29.29 -4.39 4.24
N THR F 176 28.62 -5.55 4.26
CA THR F 176 27.22 -5.68 4.55
C THR F 176 26.82 -5.04 5.91
N GLY F 177 25.90 -4.07 5.85
CA GLY F 177 25.39 -3.37 7.02
C GLY F 177 26.26 -2.26 7.57
N ARG F 178 27.47 -2.11 7.03
CA ARG F 178 28.38 -1.04 7.44
C ARG F 178 28.34 0.11 6.42
N HIS F 179 28.83 1.27 6.81
N HIS F 179 28.81 1.33 6.80
CA HIS F 179 28.95 2.42 5.92
CA HIS F 179 28.90 2.44 5.82
C HIS F 179 30.00 2.04 4.84
C HIS F 179 29.98 2.04 4.82
N PRO F 180 29.72 2.24 3.52
CA PRO F 180 30.77 1.86 2.55
C PRO F 180 32.07 2.68 2.61
N LEU F 181 31.99 4.00 2.81
CA LEU F 181 33.20 4.81 2.76
C LEU F 181 34.35 4.38 3.69
N PRO F 182 34.13 4.09 5.00
CA PRO F 182 35.26 3.61 5.82
C PRO F 182 35.89 2.31 5.28
N VAL F 183 35.14 1.45 4.55
CA VAL F 183 35.71 0.25 3.93
C VAL F 183 36.70 0.73 2.82
N ILE F 184 36.35 1.81 2.09
CA ILE F 184 37.23 2.32 1.05
C ILE F 184 38.45 2.92 1.65
N THR F 185 38.33 3.74 2.72
CA THR F 185 39.48 4.36 3.39
C THR F 185 40.51 3.25 3.78
N ALA F 186 40.07 2.25 4.57
CA ALA F 186 40.91 1.12 4.98
C ALA F 186 41.55 0.42 3.77
N ALA F 187 40.76 0.17 2.71
CA ALA F 187 41.23 -0.47 1.47
C ALA F 187 42.25 0.38 0.74
N THR F 188 41.97 1.70 0.46
CA THR F 188 42.87 2.63 -0.25
C THR F 188 44.19 2.77 0.49
N PHE F 189 44.16 2.73 1.84
CA PHE F 189 45.33 2.84 2.70
C PHE F 189 46.21 1.61 2.54
N LEU F 190 45.64 0.38 2.66
CA LEU F 190 46.38 -0.85 2.45
C LEU F 190 46.89 -0.93 1.05
N ALA F 191 46.12 -0.45 0.05
CA ALA F 191 46.53 -0.43 -1.35
C ALA F 191 47.83 0.37 -1.52
N TRP F 192 47.82 1.59 -0.94
CA TRP F 192 48.93 2.52 -0.96
C TRP F 192 50.10 2.01 -0.11
N GLN F 193 49.83 1.48 1.09
CA GLN F 193 50.85 0.93 1.96
C GLN F 193 51.56 -0.23 1.28
N SER F 194 50.80 -1.21 0.77
CA SER F 194 51.34 -2.41 0.10
C SER F 194 52.02 -2.17 -1.28
N LEU F 195 51.79 -1.00 -1.92
CA LEU F 195 52.43 -0.73 -3.22
C LEU F 195 53.92 -0.35 -3.04
N GLN F 196 54.31 0.13 -1.84
CA GLN F 196 55.70 0.43 -1.45
C GLN F 196 55.83 0.09 0.04
N PRO F 197 55.88 -1.23 0.38
CA PRO F 197 55.85 -1.64 1.80
C PRO F 197 57.01 -1.19 2.65
N ALA F 198 58.21 -1.14 2.10
CA ALA F 198 59.40 -0.78 2.86
C ALA F 198 59.33 0.64 3.44
N ASP F 199 58.78 1.59 2.68
CA ASP F 199 58.75 2.99 3.08
C ASP F 199 57.42 3.46 3.62
N ARG F 200 56.38 2.63 3.49
CA ARG F 200 55.06 3.08 3.90
C ARG F 200 54.45 2.27 5.06
N LEU F 201 55.14 1.24 5.59
CA LEU F 201 54.65 0.44 6.71
C LEU F 201 54.67 1.25 8.03
N SER F 202 55.56 2.26 8.16
CA SER F 202 55.65 3.08 9.37
C SER F 202 54.44 4.04 9.52
N CYS F 203 53.94 4.52 8.39
CA CYS F 203 52.84 5.47 8.24
C CYS F 203 51.49 4.85 8.60
N SER F 204 50.86 5.35 9.67
CA SER F 204 49.58 4.91 10.21
C SER F 204 48.42 5.38 9.35
N LEU F 205 47.20 4.81 9.57
CA LEU F 205 46.00 5.22 8.88
C LEU F 205 45.74 6.72 9.09
N ALA F 206 45.92 7.23 10.32
CA ALA F 206 45.65 8.65 10.58
C ALA F 206 46.59 9.58 9.79
N ARG F 207 47.90 9.21 9.68
CA ARG F 207 48.90 10.00 8.97
C ARG F 207 48.61 10.00 7.48
N PHE F 208 48.17 8.84 6.94
CA PHE F 208 47.82 8.66 5.52
C PHE F 208 46.69 9.65 5.07
N CYS F 209 45.59 9.75 5.83
CA CYS F 209 44.47 10.66 5.54
C CYS F 209 44.91 12.10 5.62
N LYS F 210 45.72 12.42 6.65
CA LYS F 210 46.22 13.79 6.86
C LYS F 210 47.06 14.20 5.63
N LEU F 211 47.82 13.23 5.07
CA LEU F 211 48.66 13.43 3.90
C LEU F 211 47.80 13.71 2.68
N ALA F 212 46.96 12.72 2.33
CA ALA F 212 46.06 12.70 1.19
C ALA F 212 44.97 13.77 1.28
N ASN F 213 45.01 14.59 2.36
CA ASN F 213 44.06 15.65 2.72
C ASN F 213 42.66 15.11 2.62
N VAL F 214 42.42 14.12 3.47
CA VAL F 214 41.17 13.38 3.53
C VAL F 214 40.77 13.25 4.97
N ASP F 215 39.49 13.30 5.24
CA ASP F 215 39.04 13.14 6.61
C ASP F 215 38.97 11.67 6.94
N LEU F 216 39.39 11.34 8.14
CA LEU F 216 39.42 9.96 8.57
C LEU F 216 38.10 9.55 9.22
N PRO F 217 37.30 8.67 8.58
CA PRO F 217 36.06 8.20 9.23
C PRO F 217 36.41 7.34 10.42
N TYR F 218 35.70 7.46 11.58
CA TYR F 218 36.11 6.67 12.73
C TYR F 218 36.09 5.16 12.51
N PRO F 219 35.09 4.64 11.80
CA PRO F 219 35.09 3.18 11.65
C PRO F 219 36.18 2.64 10.71
N ALA F 220 36.92 3.49 9.99
CA ALA F 220 37.94 3.03 9.04
C ALA F 220 39.06 2.21 9.73
N SER F 221 39.43 2.56 10.99
CA SER F 221 40.44 1.84 11.78
C SER F 221 39.95 0.44 12.12
N SER F 222 38.64 0.25 12.37
CA SER F 222 38.07 -1.06 12.63
C SER F 222 38.07 -1.91 11.38
N ARG F 223 37.73 -1.30 10.20
CA ARG F 223 37.68 -1.96 8.88
C ARG F 223 39.04 -2.41 8.50
N LEU F 224 40.06 -1.57 8.82
CA LEU F 224 41.47 -1.90 8.56
C LEU F 224 41.88 -3.20 9.27
N GLN F 225 41.63 -3.27 10.59
CA GLN F 225 41.95 -4.42 11.42
C GLN F 225 41.23 -5.68 10.95
N GLU F 226 39.97 -5.56 10.51
CA GLU F 226 39.16 -6.68 10.01
C GLU F 226 39.74 -7.20 8.68
N LEU F 227 40.17 -6.28 7.79
CA LEU F 227 40.75 -6.55 6.48
C LEU F 227 42.11 -7.21 6.63
N LEU F 228 42.91 -6.76 7.63
CA LEU F 228 44.22 -7.37 7.91
C LEU F 228 44.05 -8.78 8.45
N ALA F 229 43.05 -9.02 9.32
CA ALA F 229 42.73 -10.33 9.89
C ALA F 229 42.34 -11.35 8.78
N VAL F 230 41.57 -10.90 7.77
CA VAL F 230 41.16 -11.72 6.63
C VAL F 230 42.41 -12.06 5.79
N LEU F 231 43.24 -11.03 5.46
CA LEU F 231 44.46 -11.22 4.66
C LEU F 231 45.41 -12.19 5.34
N LEU F 232 45.41 -12.21 6.68
CA LEU F 232 46.25 -13.12 7.48
C LEU F 232 45.74 -14.55 7.36
N ARG F 233 44.39 -14.77 7.33
CA ARG F 233 43.82 -16.10 7.20
C ARG F 233 44.13 -16.64 5.80
N MET F 234 44.07 -15.75 4.80
CA MET F 234 44.39 -16.06 3.41
C MET F 234 45.82 -16.51 3.28
N ALA F 235 46.77 -15.77 3.93
CA ALA F 235 48.21 -16.04 3.93
C ALA F 235 48.53 -17.42 4.45
N GLU F 236 47.73 -17.94 5.40
CA GLU F 236 47.88 -19.30 5.93
C GLU F 236 47.62 -20.40 4.83
N GLN F 237 46.96 -20.03 3.70
CA GLN F 237 46.61 -20.94 2.60
C GLN F 237 47.70 -21.04 1.53
N LEU F 238 48.72 -20.18 1.61
CA LEU F 238 49.91 -20.20 0.75
C LEU F 238 51.07 -20.76 1.59
N ALA F 239 51.59 -21.95 1.24
CA ALA F 239 52.62 -22.63 2.01
C ALA F 239 53.85 -21.75 2.26
N TRP F 240 54.25 -20.94 1.27
CA TRP F 240 55.43 -20.08 1.35
C TRP F 240 55.21 -18.80 2.18
N LEU F 241 53.96 -18.51 2.54
CA LEU F 241 53.63 -17.39 3.42
C LEU F 241 53.33 -17.89 4.83
N ARG F 242 52.76 -19.10 4.93
CA ARG F 242 52.40 -19.76 6.19
C ARG F 242 53.65 -19.96 7.06
N VAL F 243 54.80 -20.26 6.41
CA VAL F 243 56.08 -20.52 7.05
C VAL F 243 56.75 -19.23 7.63
N LEU F 244 56.31 -18.04 7.19
CA LEU F 244 56.86 -16.75 7.62
C LEU F 244 56.23 -16.24 8.94
N ARG F 245 55.21 -16.95 9.43
CA ARG F 245 54.45 -16.64 10.65
C ARG F 245 54.10 -15.16 10.68
N LEU F 246 53.47 -14.69 9.58
CA LEU F 246 53.07 -13.30 9.35
C LEU F 246 52.10 -12.79 10.44
N ASP F 247 52.13 -11.47 10.68
CA ASP F 247 51.28 -10.70 11.61
C ASP F 247 50.69 -9.55 10.80
N LYS F 248 49.85 -8.69 11.43
CA LYS F 248 49.16 -7.56 10.78
C LYS F 248 50.14 -6.53 10.15
N ARG F 249 51.44 -6.57 10.51
CA ARG F 249 52.45 -5.64 9.98
C ARG F 249 53.21 -6.29 8.86
N SER F 250 53.71 -7.53 9.08
CA SER F 250 54.49 -8.25 8.08
C SER F 250 53.65 -8.73 6.88
N VAL F 251 52.29 -8.80 7.00
CA VAL F 251 51.39 -9.26 5.94
C VAL F 251 51.25 -8.22 4.83
N VAL F 252 51.51 -6.95 5.13
CA VAL F 252 51.34 -5.82 4.21
C VAL F 252 52.18 -5.97 2.93
N LYS F 253 53.43 -6.39 3.02
CA LYS F 253 54.26 -6.56 1.82
C LYS F 253 53.83 -7.74 0.92
N HIS F 254 52.86 -8.57 1.37
CA HIS F 254 52.40 -9.73 0.61
C HIS F 254 50.99 -9.54 0.09
N ILE F 255 50.42 -8.35 0.30
CA ILE F 255 49.07 -8.03 -0.16
C ILE F 255 48.95 -8.22 -1.67
N GLY F 256 49.94 -7.73 -2.43
CA GLY F 256 49.99 -7.89 -3.88
C GLY F 256 49.84 -9.34 -4.30
N ASP F 257 50.61 -10.23 -3.65
CA ASP F 257 50.60 -11.65 -3.87
C ASP F 257 49.26 -12.29 -3.49
N LEU F 258 48.66 -11.86 -2.36
CA LEU F 258 47.39 -12.37 -1.84
C LEU F 258 46.21 -12.01 -2.77
N LEU F 259 46.18 -10.79 -3.29
CA LEU F 259 45.11 -10.32 -4.18
C LEU F 259 45.21 -10.99 -5.56
N GLN F 260 46.41 -11.36 -5.97
CA GLN F 260 46.63 -12.03 -7.24
C GLN F 260 45.81 -13.32 -7.29
N HIS F 261 45.52 -13.92 -6.11
CA HIS F 261 44.75 -15.17 -5.98
C HIS F 261 43.66 -15.05 -4.89
N ARG F 262 42.93 -13.88 -4.79
CA ARG F 262 41.91 -13.67 -3.72
C ARG F 262 40.69 -14.55 -3.83
N GLN F 263 40.17 -14.75 -5.03
CA GLN F 263 38.99 -15.60 -5.14
C GLN F 263 39.28 -16.96 -4.56
N SER F 264 40.36 -17.56 -5.05
CA SER F 264 40.88 -18.88 -4.73
C SER F 264 41.26 -19.01 -3.22
N LEU F 265 41.97 -18.02 -2.67
CA LEU F 265 42.43 -18.04 -1.28
C LEU F 265 41.30 -17.89 -0.28
N VAL F 266 40.27 -17.07 -0.59
CA VAL F 266 39.10 -16.82 0.26
C VAL F 266 38.33 -18.13 0.44
N ARG F 267 38.05 -18.83 -0.69
CA ARG F 267 37.35 -20.12 -0.72
C ARG F 267 38.07 -21.16 0.12
N SER F 268 39.40 -21.23 -0.02
CA SER F 268 40.22 -22.23 0.67
C SER F 268 40.36 -21.95 2.16
N ALA F 269 40.41 -20.67 2.55
CA ALA F 269 40.59 -20.25 3.94
C ALA F 269 39.33 -20.43 4.77
N PHE F 270 38.15 -20.53 4.15
CA PHE F 270 36.92 -20.60 4.93
C PHE F 270 35.98 -21.74 4.51
N ALA F 313 37.93 -19.78 12.10
CA ALA F 313 38.08 -20.60 10.89
C ALA F 313 36.71 -20.83 10.17
N LEU F 314 35.89 -19.75 10.07
CA LEU F 314 34.55 -19.74 9.46
C LEU F 314 34.23 -18.34 8.93
N LEU F 315 33.87 -18.23 7.62
CA LEU F 315 33.58 -16.95 6.98
C LEU F 315 32.24 -16.38 7.42
N LEU F 316 32.31 -15.53 8.47
CA LEU F 316 31.13 -14.92 9.03
C LEU F 316 31.33 -13.43 9.23
N PRO F 317 30.20 -12.67 9.24
CA PRO F 317 30.28 -11.23 9.54
C PRO F 317 30.87 -11.01 10.96
N PRO F 318 31.71 -9.97 11.13
CA PRO F 318 32.28 -9.70 12.47
C PRO F 318 31.25 -9.60 13.63
N CYS F 319 30.01 -9.19 13.36
CA CYS F 319 29.01 -9.07 14.43
C CYS F 319 28.45 -10.44 14.89
N MET F 320 28.87 -11.55 14.25
CA MET F 320 28.41 -12.89 14.60
C MET F 320 29.46 -13.57 15.48
N LEU F 321 30.72 -13.10 15.39
CA LEU F 321 31.89 -13.62 16.11
C LEU F 321 32.26 -12.72 17.27
N LYS F 322 31.45 -11.66 17.51
CA LYS F 322 31.60 -10.67 18.59
C LYS F 322 30.45 -10.82 19.58
N THR F 335 3.26 -15.79 30.46
CA THR F 335 2.49 -16.70 29.63
C THR F 335 1.38 -17.38 30.51
N VAL F 336 0.26 -16.63 30.68
CA VAL F 336 -0.93 -17.04 31.46
C VAL F 336 -2.17 -16.25 30.91
N THR F 337 -3.42 -16.72 31.18
CA THR F 337 -4.68 -16.12 30.66
C THR F 337 -4.90 -14.72 31.20
N GLY F 338 -5.40 -13.83 30.34
CA GLY F 338 -5.66 -12.45 30.70
C GLY F 338 -6.99 -12.24 31.41
N ASP F 339 -7.61 -13.35 31.90
CA ASP F 339 -8.91 -13.38 32.58
C ASP F 339 -8.80 -13.55 34.11
N GLU F 340 -7.57 -13.71 34.65
CA GLU F 340 -7.37 -13.91 36.09
C GLU F 340 -7.77 -12.72 36.93
N ASN F 341 -8.25 -13.00 38.15
CA ASN F 341 -8.71 -12.05 39.14
C ASN F 341 -7.63 -11.02 39.50
N ILE F 342 -8.07 -9.76 39.69
CA ILE F 342 -7.22 -8.65 40.07
C ILE F 342 -7.68 -8.21 41.46
N SER F 343 -6.88 -8.52 42.50
CA SER F 343 -7.22 -8.19 43.88
C SER F 343 -7.08 -6.71 44.16
N ASP F 344 -7.75 -6.21 45.22
CA ASP F 344 -7.71 -4.80 45.63
C ASP F 344 -6.33 -4.41 46.14
N SER F 345 -5.62 -5.33 46.84
CA SER F 345 -4.27 -5.12 47.38
C SER F 345 -3.24 -4.97 46.25
N GLU F 346 -3.44 -5.71 45.14
CA GLU F 346 -2.59 -5.66 43.95
C GLU F 346 -2.64 -4.26 43.33
N ILE F 347 -3.83 -3.63 43.29
CA ILE F 347 -4.04 -2.29 42.72
C ILE F 347 -3.62 -1.18 43.71
N GLU F 348 -4.03 -1.29 44.99
CA GLU F 348 -3.76 -0.31 46.06
C GLU F 348 -2.28 0.06 46.22
N GLN F 349 -1.34 -0.86 45.88
CA GLN F 349 0.11 -0.61 45.96
C GLN F 349 0.55 0.51 44.97
N TYR F 350 -0.27 0.79 43.95
CA TYR F 350 0.03 1.81 42.96
C TYR F 350 -0.61 3.17 43.35
N LEU F 351 -1.27 3.22 44.50
CA LEU F 351 -1.92 4.44 44.97
C LEU F 351 -1.18 5.09 46.11
N ARG F 352 -1.17 6.41 46.13
CA ARG F 352 -0.53 7.18 47.17
C ARG F 352 -1.46 7.30 48.37
N THR F 353 -0.88 7.28 49.58
CA THR F 353 -1.63 7.48 50.83
C THR F 353 -1.91 8.99 51.00
N PRO F 354 -2.89 9.42 51.86
CA PRO F 354 -3.09 10.88 52.06
C PRO F 354 -1.81 11.61 52.46
N GLN F 355 -0.95 10.97 53.30
CA GLN F 355 0.34 11.54 53.72
C GLN F 355 1.30 11.67 52.51
N GLU F 356 1.38 10.63 51.65
CA GLU F 356 2.21 10.66 50.45
C GLU F 356 1.78 11.78 49.49
N VAL F 357 0.45 12.04 49.40
CA VAL F 357 -0.11 13.10 48.54
C VAL F 357 0.36 14.47 49.07
N ARG F 358 0.25 14.68 50.40
CA ARG F 358 0.67 15.91 51.07
C ARG F 358 2.18 16.15 50.89
N ASP F 359 3.01 15.11 51.09
CA ASP F 359 4.47 15.17 50.95
C ASP F 359 4.91 15.45 49.52
N PHE F 360 4.14 14.97 48.51
CA PHE F 360 4.40 15.23 47.10
C PHE F 360 4.03 16.69 46.77
N GLN F 361 2.83 17.15 47.23
CA GLN F 361 2.30 18.50 47.02
C GLN F 361 3.26 19.55 47.61
N ARG F 362 3.84 19.29 48.81
CA ARG F 362 4.81 20.18 49.47
C ARG F 362 6.10 20.28 48.63
N ALA F 363 6.53 19.15 48.02
CA ALA F 363 7.73 19.06 47.18
C ALA F 363 7.54 19.73 45.79
N GLN F 364 6.30 20.03 45.42
CA GLN F 364 5.94 20.73 44.17
C GLN F 364 5.63 22.23 44.45
N ALA F 365 6.11 22.77 45.60
CA ALA F 365 5.90 24.17 45.97
C ALA F 365 7.21 24.98 45.85
N GLY G 18 9.42 -28.14 4.72
CA GLY G 18 8.32 -27.19 4.78
C GLY G 18 8.60 -26.07 5.77
N PRO G 19 8.19 -26.22 7.07
CA PRO G 19 8.48 -25.16 8.05
C PRO G 19 9.96 -25.08 8.40
N SER G 20 10.42 -23.89 8.80
CA SER G 20 11.81 -23.60 9.15
C SER G 20 12.24 -24.26 10.44
N GLY G 21 11.28 -24.49 11.34
CA GLY G 21 11.50 -25.04 12.67
C GLY G 21 11.83 -23.94 13.68
N ILE G 22 11.78 -22.67 13.22
CA ILE G 22 12.06 -21.48 14.02
C ILE G 22 10.74 -20.75 14.31
N VAL G 23 10.51 -20.42 15.59
CA VAL G 23 9.32 -19.72 16.02
C VAL G 23 9.72 -18.31 16.49
N PRO G 24 9.25 -17.25 15.79
CA PRO G 24 9.56 -15.89 16.25
C PRO G 24 8.99 -15.65 17.65
N GLN G 25 9.76 -14.97 18.51
CA GLN G 25 9.37 -14.65 19.88
C GLN G 25 8.74 -13.27 19.88
N LEU G 26 7.59 -13.13 20.53
CA LEU G 26 6.94 -11.82 20.57
C LEU G 26 7.67 -10.94 21.57
N GLN G 27 8.13 -9.76 21.13
CA GLN G 27 8.92 -8.83 21.96
C GLN G 27 8.10 -7.67 22.48
N ASN G 28 7.06 -7.25 21.74
CA ASN G 28 6.20 -6.14 22.13
C ASN G 28 4.75 -6.38 21.68
N ILE G 29 3.77 -5.79 22.40
CA ILE G 29 2.33 -5.82 22.08
C ILE G 29 1.76 -4.41 22.34
N VAL G 30 1.21 -3.77 21.29
CA VAL G 30 0.58 -2.44 21.46
C VAL G 30 -0.94 -2.61 21.33
N SER G 31 -1.66 -2.36 22.42
CA SER G 31 -3.10 -2.54 22.43
C SER G 31 -3.79 -1.27 22.86
N THR G 32 -5.06 -1.11 22.50
CA THR G 32 -5.84 0.07 22.88
C THR G 32 -7.12 -0.37 23.58
N VAL G 33 -7.64 0.46 24.47
CA VAL G 33 -8.90 0.18 25.14
C VAL G 33 -9.56 1.54 25.47
N ASN G 34 -10.89 1.57 25.45
CA ASN G 34 -11.69 2.74 25.79
C ASN G 34 -12.25 2.52 27.18
N LEU G 35 -11.89 3.41 28.11
CA LEU G 35 -12.40 3.30 29.47
C LEU G 35 -13.81 3.90 29.58
N GLY G 36 -14.34 4.35 28.42
CA GLY G 36 -15.69 4.87 28.24
C GLY G 36 -16.15 6.03 29.10
N CYS G 37 -15.21 6.83 29.64
CA CYS G 37 -15.55 8.00 30.45
C CYS G 37 -14.41 9.02 30.40
N LYS G 38 -14.73 10.32 30.57
CA LYS G 38 -13.73 11.39 30.58
C LYS G 38 -12.94 11.33 31.87
N LEU G 39 -11.63 11.60 31.79
CA LEU G 39 -10.75 11.47 32.95
C LEU G 39 -10.01 12.76 33.27
N ASP G 40 -9.82 13.03 34.58
CA ASP G 40 -9.03 14.17 35.06
C ASP G 40 -7.64 13.66 35.33
N LEU G 41 -6.74 13.95 34.39
CA LEU G 41 -5.37 13.47 34.43
C LEU G 41 -4.56 14.06 35.60
N LYS G 42 -4.88 15.30 36.04
CA LYS G 42 -4.21 15.96 37.16
C LYS G 42 -4.41 15.09 38.42
N THR G 43 -5.66 14.62 38.64
CA THR G 43 -6.10 13.77 39.75
C THR G 43 -5.37 12.42 39.69
N ILE G 44 -5.38 11.73 38.52
CA ILE G 44 -4.71 10.45 38.31
C ILE G 44 -3.21 10.59 38.65
N ALA G 45 -2.52 11.60 38.09
CA ALA G 45 -1.09 11.89 38.29
C ALA G 45 -0.74 12.11 39.75
N LEU G 46 -1.58 12.86 40.45
CA LEU G 46 -1.34 13.18 41.84
C LEU G 46 -1.62 12.01 42.77
N ARG G 47 -2.65 11.19 42.46
CA ARG G 47 -3.08 10.14 43.38
C ARG G 47 -2.53 8.74 43.05
N ALA G 48 -1.70 8.63 41.99
CA ALA G 48 -1.05 7.36 41.62
C ALA G 48 0.47 7.52 41.62
N ARG G 49 1.14 6.68 42.44
CA ARG G 49 2.60 6.62 42.62
C ARG G 49 3.34 6.36 41.31
N ASN G 50 2.73 5.52 40.45
CA ASN G 50 3.24 5.02 39.17
C ASN G 50 2.83 5.86 37.95
N ALA G 51 2.34 7.08 38.18
CA ALA G 51 1.89 7.99 37.13
C ALA G 51 2.85 9.16 36.94
N GLU G 52 3.08 9.50 35.67
CA GLU G 52 3.91 10.63 35.24
C GLU G 52 3.05 11.53 34.33
N TYR G 53 2.99 12.84 34.63
CA TYR G 53 2.17 13.78 33.88
C TYR G 53 2.78 15.16 33.81
N ASN G 54 3.08 15.61 32.58
CA ASN G 54 3.64 16.93 32.28
C ASN G 54 2.86 17.43 31.05
N PRO G 55 1.68 18.06 31.26
CA PRO G 55 0.87 18.54 30.12
C PRO G 55 1.61 19.50 29.19
N LYS G 56 2.60 20.26 29.71
CA LYS G 56 3.45 21.18 28.94
C LYS G 56 4.32 20.42 27.93
N ARG G 57 4.64 19.14 28.23
CA ARG G 57 5.48 18.24 27.44
C ARG G 57 4.61 17.24 26.60
N PHE G 58 3.84 16.36 27.28
CA PHE G 58 2.94 15.38 26.67
C PHE G 58 1.55 15.35 27.33
N ALA G 59 0.55 15.30 26.47
CA ALA G 59 -0.91 15.34 26.68
C ALA G 59 -1.53 14.12 27.40
N ALA G 60 -0.71 13.17 27.86
CA ALA G 60 -1.21 11.97 28.52
C ALA G 60 -0.54 11.71 29.86
N VAL G 61 -1.11 10.75 30.60
CA VAL G 61 -0.53 10.23 31.81
C VAL G 61 0.23 9.00 31.38
N ILE G 62 1.50 8.86 31.82
CA ILE G 62 2.36 7.70 31.57
C ILE G 62 2.31 6.85 32.84
N MET G 63 1.66 5.67 32.78
CA MET G 63 1.49 4.76 33.92
C MET G 63 2.19 3.43 33.71
N ARG G 64 2.79 2.88 34.77
CA ARG G 64 3.52 1.61 34.71
C ARG G 64 3.10 0.64 35.81
N ILE G 65 3.00 -0.65 35.46
CA ILE G 65 2.72 -1.71 36.42
C ILE G 65 3.88 -2.72 36.31
N ARG G 66 4.16 -3.46 37.38
CA ARG G 66 5.29 -4.39 37.37
C ARG G 66 4.94 -5.78 36.80
N GLU G 67 3.66 -6.19 36.88
CA GLU G 67 3.26 -7.51 36.36
C GLU G 67 1.86 -7.48 35.73
N PRO G 68 1.75 -7.69 34.41
CA PRO G 68 2.83 -7.85 33.41
C PRO G 68 3.58 -6.53 33.26
N ARG G 69 4.94 -6.56 33.12
CA ARG G 69 5.76 -5.34 33.00
C ARG G 69 5.41 -4.62 31.68
N THR G 70 4.65 -3.51 31.80
CA THR G 70 4.10 -2.72 30.70
C THR G 70 4.05 -1.22 31.01
N THR G 71 3.70 -0.39 29.99
CA THR G 71 3.50 1.05 30.15
C THR G 71 2.21 1.41 29.46
N ALA G 72 1.41 2.27 30.10
CA ALA G 72 0.17 2.73 29.54
C ALA G 72 0.17 4.22 29.39
N LEU G 73 -0.45 4.69 28.31
CA LEU G 73 -0.70 6.10 28.02
C LEU G 73 -2.18 6.31 28.26
N ILE G 74 -2.53 7.10 29.27
CA ILE G 74 -3.91 7.34 29.60
C ILE G 74 -4.23 8.76 29.17
N PHE G 75 -5.23 8.92 28.29
CA PHE G 75 -5.66 10.21 27.74
C PHE G 75 -6.92 10.72 28.47
N SER G 76 -7.10 12.06 28.50
CA SER G 76 -8.24 12.70 29.18
C SER G 76 -9.59 12.30 28.54
N SER G 77 -9.55 11.81 27.27
CA SER G 77 -10.74 11.34 26.54
C SER G 77 -11.27 9.99 27.10
N GLY G 78 -10.44 9.30 27.90
CA GLY G 78 -10.75 7.99 28.48
C GLY G 78 -10.16 6.86 27.69
N LYS G 79 -9.53 7.19 26.56
CA LYS G 79 -8.84 6.21 25.72
C LYS G 79 -7.48 5.87 26.31
N MET G 80 -7.03 4.64 26.13
CA MET G 80 -5.78 4.20 26.71
C MET G 80 -5.02 3.30 25.72
N VAL G 81 -3.68 3.43 25.70
CA VAL G 81 -2.72 2.65 24.89
C VAL G 81 -1.86 1.86 25.86
N CYS G 82 -1.75 0.55 25.65
CA CYS G 82 -0.97 -0.33 26.50
C CYS G 82 0.16 -0.91 25.69
N THR G 83 1.42 -0.68 26.09
CA THR G 83 2.65 -1.12 25.38
C THR G 83 3.56 -2.01 26.24
N GLY G 84 4.46 -2.75 25.59
CA GLY G 84 5.47 -3.54 26.28
C GLY G 84 5.16 -4.98 26.61
N ALA G 85 3.89 -5.42 26.48
CA ALA G 85 3.49 -6.80 26.80
C ALA G 85 4.15 -7.81 25.87
N LYS G 86 4.41 -9.06 26.35
CA LYS G 86 5.08 -10.10 25.53
C LYS G 86 4.08 -11.10 24.93
N SER G 87 2.81 -11.01 25.31
CA SER G 87 1.72 -11.84 24.78
C SER G 87 0.43 -11.02 24.80
N GLU G 88 -0.50 -11.35 23.90
CA GLU G 88 -1.80 -10.69 23.79
C GLU G 88 -2.55 -10.76 25.12
N GLU G 89 -2.48 -11.94 25.76
CA GLU G 89 -3.14 -12.24 27.05
C GLU G 89 -2.56 -11.34 28.13
N GLN G 90 -1.23 -11.15 28.13
CA GLN G 90 -0.51 -10.28 29.04
C GLN G 90 -0.93 -8.82 28.80
N SER G 91 -1.08 -8.42 27.51
CA SER G 91 -1.52 -7.07 27.17
C SER G 91 -2.90 -6.80 27.71
N ARG G 92 -3.82 -7.78 27.58
CA ARG G 92 -5.20 -7.67 28.06
C ARG G 92 -5.25 -7.59 29.59
N LEU G 93 -4.49 -8.45 30.31
CA LEU G 93 -4.43 -8.46 31.77
C LEU G 93 -3.84 -7.14 32.28
N ALA G 94 -2.83 -6.57 31.59
CA ALA G 94 -2.22 -5.29 31.98
C ALA G 94 -3.23 -4.17 31.79
N ALA G 95 -3.88 -4.14 30.60
CA ALA G 95 -4.88 -3.14 30.25
C ALA G 95 -6.01 -3.12 31.28
N ARG G 96 -6.46 -4.31 31.74
CA ARG G 96 -7.48 -4.46 32.76
C ARG G 96 -6.99 -3.91 34.12
N LYS G 97 -5.70 -4.13 34.46
CA LYS G 97 -5.11 -3.62 35.70
C LYS G 97 -5.06 -2.08 35.69
N TYR G 98 -4.68 -1.45 34.54
CA TYR G 98 -4.67 0.02 34.43
C TYR G 98 -6.08 0.55 34.60
N ALA G 99 -7.08 -0.16 34.03
CA ALA G 99 -8.51 0.18 34.13
C ALA G 99 -8.97 0.11 35.60
N ARG G 100 -8.48 -0.88 36.36
CA ARG G 100 -8.82 -1.05 37.77
C ARG G 100 -8.17 0.03 38.63
N VAL G 101 -6.96 0.51 38.24
CA VAL G 101 -6.26 1.58 38.97
C VAL G 101 -7.10 2.86 38.84
N VAL G 102 -7.52 3.17 37.59
CA VAL G 102 -8.36 4.33 37.23
C VAL G 102 -9.72 4.27 37.99
N GLN G 103 -10.36 3.08 38.08
CA GLN G 103 -11.63 2.86 38.80
C GLN G 103 -11.49 3.21 40.28
N LYS G 104 -10.43 2.69 40.94
CA LYS G 104 -10.12 2.93 42.36
C LYS G 104 -9.85 4.41 42.64
N LEU G 105 -9.45 5.18 41.61
CA LEU G 105 -9.17 6.61 41.72
C LEU G 105 -10.48 7.44 41.66
N GLY G 106 -11.63 6.76 41.58
CA GLY G 106 -12.97 7.37 41.60
C GLY G 106 -13.69 7.56 40.26
N PHE G 107 -13.11 7.07 39.15
CA PHE G 107 -13.70 7.24 37.83
C PHE G 107 -14.58 6.04 37.41
N PRO G 108 -15.73 6.26 36.73
CA PRO G 108 -16.58 5.13 36.34
C PRO G 108 -16.06 4.47 35.05
N ALA G 109 -14.85 3.90 35.14
CA ALA G 109 -14.15 3.27 34.03
C ALA G 109 -14.75 1.93 33.66
N LYS G 110 -14.88 1.70 32.34
CA LYS G 110 -15.39 0.49 31.69
C LYS G 110 -14.26 -0.10 30.85
N PHE G 111 -14.43 -1.30 30.32
CA PHE G 111 -13.36 -1.92 29.54
C PHE G 111 -13.88 -2.21 28.14
N LEU G 112 -13.98 -1.16 27.32
CA LEU G 112 -14.58 -1.25 25.99
C LEU G 112 -13.59 -1.26 24.84
N ASP G 113 -13.95 -2.01 23.80
CA ASP G 113 -13.30 -2.14 22.50
C ASP G 113 -11.80 -2.43 22.58
N PHE G 114 -11.38 -3.34 23.50
CA PHE G 114 -9.97 -3.75 23.61
C PHE G 114 -9.55 -4.35 22.29
N LYS G 115 -8.39 -3.90 21.77
CA LYS G 115 -7.91 -4.35 20.46
C LYS G 115 -6.40 -4.31 20.40
N ILE G 116 -5.78 -5.39 19.89
CA ILE G 116 -4.34 -5.44 19.66
C ILE G 116 -4.12 -4.69 18.32
N GLN G 117 -3.24 -3.68 18.35
CA GLN G 117 -2.98 -2.79 17.22
C GLN G 117 -1.66 -3.10 16.48
N ASN G 118 -0.63 -3.60 17.19
CA ASN G 118 0.69 -3.94 16.62
C ASN G 118 1.38 -4.98 17.45
N MET G 119 2.11 -5.88 16.80
CA MET G 119 2.88 -6.91 17.46
C MET G 119 4.25 -7.01 16.84
N VAL G 120 5.29 -6.94 17.67
CA VAL G 120 6.68 -7.05 17.23
C VAL G 120 7.22 -8.43 17.62
N GLY G 121 7.80 -9.13 16.67
CA GLY G 121 8.41 -10.44 16.90
C GLY G 121 9.85 -10.41 16.48
N SER G 122 10.64 -11.38 16.96
CA SER G 122 12.03 -11.47 16.56
C SER G 122 12.51 -12.91 16.56
N CYS G 123 13.55 -13.22 15.77
CA CYS G 123 14.25 -14.50 15.73
C CYS G 123 15.56 -14.40 14.94
N ASP G 124 16.30 -15.50 14.92
CA ASP G 124 17.58 -15.68 14.28
C ASP G 124 17.54 -16.96 13.39
N VAL G 125 17.79 -16.77 12.10
CA VAL G 125 17.84 -17.83 11.12
C VAL G 125 19.18 -18.62 11.24
N LYS G 126 20.13 -18.12 12.08
CA LYS G 126 21.44 -18.70 12.43
C LYS G 126 22.38 -18.92 11.21
N PHE G 127 22.33 -17.97 10.26
CA PHE G 127 23.23 -17.94 9.09
C PHE G 127 23.39 -16.49 8.61
N PRO G 128 24.55 -16.13 8.04
CA PRO G 128 24.71 -14.73 7.61
C PRO G 128 23.88 -14.38 6.39
N ILE G 129 23.46 -13.10 6.23
CA ILE G 129 22.60 -12.69 5.12
C ILE G 129 23.22 -11.58 4.24
N ARG G 130 23.41 -11.84 2.94
CA ARG G 130 23.92 -10.84 2.01
C ARG G 130 22.80 -9.88 1.59
N LEU G 131 22.62 -8.86 2.41
CA LEU G 131 21.64 -7.81 2.25
C LEU G 131 21.75 -7.16 0.87
N GLU G 132 22.95 -6.94 0.34
CA GLU G 132 23.16 -6.30 -0.97
C GLU G 132 22.61 -7.17 -2.11
N GLY G 133 22.53 -8.49 -1.87
CA GLY G 133 22.01 -9.48 -2.80
C GLY G 133 20.50 -9.54 -2.77
N LEU G 134 19.95 -9.50 -1.55
CA LEU G 134 18.50 -9.49 -1.30
C LEU G 134 17.86 -8.23 -1.87
N VAL G 135 18.51 -7.06 -1.76
CA VAL G 135 17.99 -5.80 -2.30
C VAL G 135 18.02 -5.86 -3.86
N LEU G 136 18.74 -6.81 -4.49
CA LEU G 136 18.77 -6.96 -5.96
C LEU G 136 17.71 -7.94 -6.45
N THR G 137 17.46 -9.03 -5.72
CA THR G 137 16.45 -10.01 -6.16
C THR G 137 15.01 -9.54 -5.75
N HIS G 138 14.86 -8.99 -4.55
CA HIS G 138 13.58 -8.52 -4.02
C HIS G 138 13.55 -7.01 -3.93
N GLN G 139 14.01 -6.30 -4.99
CA GLN G 139 14.16 -4.83 -5.04
C GLN G 139 12.90 -4.03 -4.77
N GLN G 140 11.74 -4.55 -5.19
CA GLN G 140 10.47 -3.86 -4.98
C GLN G 140 9.95 -3.93 -3.53
N PHE G 141 10.56 -4.74 -2.66
CA PHE G 141 10.14 -4.86 -1.26
C PHE G 141 11.20 -4.39 -0.33
N SER G 142 12.44 -4.32 -0.85
CA SER G 142 13.60 -4.00 -0.06
C SER G 142 14.07 -2.58 -0.19
N SER G 143 14.45 -2.03 0.97
CA SER G 143 15.04 -0.72 1.18
C SER G 143 16.25 -0.96 2.09
N TYR G 144 17.43 -0.92 1.51
CA TYR G 144 18.65 -1.15 2.26
C TYR G 144 19.48 0.08 2.11
N GLU G 145 19.63 0.82 3.24
CA GLU G 145 20.36 2.07 3.30
C GLU G 145 21.44 1.99 4.38
N PRO G 146 22.63 1.38 4.10
CA PRO G 146 23.65 1.26 5.15
C PRO G 146 24.21 2.61 5.62
N GLU G 147 23.93 3.74 4.90
CA GLU G 147 24.36 5.08 5.33
C GLU G 147 23.50 5.57 6.48
N LEU G 148 22.36 4.90 6.73
CA LEU G 148 21.41 5.27 7.78
C LEU G 148 21.19 4.17 8.79
N PHE G 149 21.10 2.91 8.36
CA PHE G 149 20.82 1.81 9.28
C PHE G 149 21.41 0.46 8.76
N PRO G 150 21.94 -0.44 9.65
CA PRO G 150 22.55 -1.68 9.16
C PRO G 150 21.60 -2.72 8.61
N GLY G 151 20.33 -2.64 8.96
CA GLY G 151 19.35 -3.61 8.50
C GLY G 151 18.61 -3.26 7.23
N LEU G 152 18.23 -4.31 6.47
CA LEU G 152 17.43 -4.20 5.26
C LEU G 152 15.99 -4.13 5.72
N ILE G 153 15.20 -3.20 5.17
CA ILE G 153 13.79 -3.01 5.50
C ILE G 153 13.00 -3.71 4.42
N TYR G 154 12.37 -4.81 4.77
CA TYR G 154 11.61 -5.59 3.84
C TYR G 154 10.13 -5.39 4.14
N ARG G 155 9.41 -4.80 3.16
CA ARG G 155 8.00 -4.50 3.25
C ARG G 155 7.23 -5.57 2.49
N MET G 156 6.94 -6.69 3.19
CA MET G 156 6.17 -7.86 2.74
C MET G 156 4.73 -7.42 2.51
N ILE G 157 4.10 -7.81 1.38
CA ILE G 157 2.73 -7.37 1.09
C ILE G 157 1.74 -8.47 1.57
N LYS G 158 2.10 -9.76 1.46
CA LYS G 158 1.21 -10.84 1.92
C LYS G 158 1.92 -11.75 2.97
N PRO G 159 1.72 -11.58 4.32
CA PRO G 159 0.90 -10.56 5.00
C PRO G 159 1.62 -9.21 4.96
N ARG G 160 0.91 -8.12 5.27
CA ARG G 160 1.46 -6.76 5.27
C ARG G 160 2.27 -6.58 6.58
N ILE G 161 3.54 -7.03 6.52
CA ILE G 161 4.47 -7.02 7.63
C ILE G 161 5.76 -6.38 7.18
N VAL G 162 6.37 -5.59 8.09
CA VAL G 162 7.67 -4.96 7.84
C VAL G 162 8.70 -5.75 8.61
N LEU G 163 9.71 -6.27 7.89
CA LEU G 163 10.80 -7.05 8.49
C LEU G 163 12.10 -6.27 8.43
N LEU G 164 12.88 -6.32 9.51
CA LEU G 164 14.19 -5.70 9.55
C LEU G 164 15.19 -6.85 9.53
N ILE G 165 15.89 -7.02 8.41
CA ILE G 165 16.78 -8.16 8.23
C ILE G 165 18.24 -7.72 8.39
N PHE G 166 18.97 -8.39 9.27
CA PHE G 166 20.35 -8.04 9.59
C PHE G 166 21.33 -9.07 9.04
N VAL G 167 22.60 -8.66 8.85
CA VAL G 167 23.67 -9.51 8.29
C VAL G 167 23.91 -10.78 9.15
N SER G 168 23.65 -10.67 10.47
CA SER G 168 23.78 -11.73 11.46
C SER G 168 22.74 -12.85 11.34
N GLY G 169 21.68 -12.59 10.61
CA GLY G 169 20.62 -13.57 10.47
C GLY G 169 19.47 -13.27 11.40
N LYS G 170 19.65 -12.27 12.28
CA LYS G 170 18.62 -11.82 13.21
C LYS G 170 17.61 -10.99 12.45
N VAL G 171 16.32 -11.27 12.69
CA VAL G 171 15.18 -10.67 11.98
C VAL G 171 14.20 -10.06 12.99
N VAL G 172 13.75 -8.85 12.74
CA VAL G 172 12.71 -8.17 13.50
C VAL G 172 11.45 -8.11 12.60
N LEU G 173 10.28 -8.55 13.11
CA LEU G 173 9.02 -8.52 12.37
C LEU G 173 8.04 -7.60 13.07
N THR G 174 7.40 -6.68 12.36
CA THR G 174 6.46 -5.73 12.99
C THR G 174 5.29 -5.36 12.05
N GLY G 175 4.24 -4.74 12.61
CA GLY G 175 3.04 -4.34 11.88
C GLY G 175 1.91 -5.35 11.94
N ALA G 176 2.07 -6.43 12.73
CA ALA G 176 1.05 -7.47 12.84
C ALA G 176 -0.07 -7.13 13.79
N LYS G 177 -1.29 -7.58 13.45
CA LYS G 177 -2.49 -7.42 14.25
C LYS G 177 -2.75 -8.70 15.04
N VAL G 178 -2.36 -9.85 14.48
CA VAL G 178 -2.50 -11.17 15.10
C VAL G 178 -1.14 -11.84 15.06
N ARG G 179 -0.94 -12.78 15.99
CA ARG G 179 0.25 -13.60 16.15
C ARG G 179 0.57 -14.35 14.84
N ALA G 180 -0.45 -14.93 14.19
CA ALA G 180 -0.31 -15.72 12.95
C ALA G 180 0.35 -14.92 11.81
N GLU G 181 0.17 -13.59 11.78
CA GLU G 181 0.76 -12.73 10.73
C GLU G 181 2.27 -12.66 10.88
N ILE G 182 2.79 -12.70 12.14
CA ILE G 182 4.23 -12.72 12.45
C ILE G 182 4.79 -14.05 11.92
N TYR G 183 4.13 -15.17 12.26
CA TYR G 183 4.54 -16.51 11.87
C TYR G 183 4.47 -16.69 10.36
N GLU G 184 3.40 -16.21 9.70
CA GLU G 184 3.19 -16.28 8.25
C GLU G 184 4.29 -15.52 7.50
N ALA G 185 4.64 -14.29 7.94
CA ALA G 185 5.68 -13.47 7.32
C ALA G 185 7.05 -14.13 7.45
N PHE G 186 7.37 -14.69 8.65
CA PHE G 186 8.64 -15.38 8.87
C PHE G 186 8.75 -16.62 8.04
N GLU G 187 7.64 -17.39 7.87
CA GLU G 187 7.69 -18.61 7.05
C GLU G 187 7.88 -18.27 5.59
N ASN G 188 7.31 -17.12 5.14
CA ASN G 188 7.51 -16.61 3.79
C ASN G 188 8.94 -16.11 3.50
N ILE G 189 9.53 -15.36 4.44
CA ILE G 189 10.86 -14.79 4.26
C ILE G 189 11.97 -15.84 4.38
N TYR G 190 11.78 -16.89 5.22
CA TYR G 190 12.81 -17.90 5.48
C TYR G 190 13.36 -18.51 4.21
N PRO G 191 12.54 -19.00 3.25
CA PRO G 191 13.13 -19.54 2.02
C PRO G 191 13.96 -18.48 1.30
N ILE G 192 13.42 -17.26 1.11
CA ILE G 192 14.06 -16.12 0.44
C ILE G 192 15.42 -15.84 1.04
N LEU G 193 15.54 -15.86 2.39
CA LEU G 193 16.82 -15.62 3.07
C LEU G 193 17.79 -16.81 2.89
N LYS G 194 17.25 -18.04 2.91
CA LYS G 194 18.03 -19.26 2.80
C LYS G 194 18.76 -19.25 1.45
N GLY G 195 18.01 -19.23 0.35
CA GLY G 195 18.58 -19.26 -0.99
C GLY G 195 17.97 -18.26 -1.95
N SER H 66 32.97 18.15 -2.41
CA SER H 66 33.03 16.69 -2.60
C SER H 66 31.64 16.11 -2.79
N THR H 67 31.58 14.94 -3.46
CA THR H 67 30.33 14.21 -3.72
C THR H 67 30.39 12.85 -3.00
N THR H 68 31.47 12.65 -2.24
CA THR H 68 31.78 11.41 -1.54
C THR H 68 31.99 11.61 -0.04
N THR H 69 31.49 12.73 0.52
CA THR H 69 31.59 13.06 1.96
C THR H 69 30.94 11.90 2.78
N TYR H 70 31.61 11.51 3.86
CA TYR H 70 31.19 10.44 4.77
C TYR H 70 29.86 10.85 5.44
N SER H 71 28.91 9.90 5.53
CA SER H 71 27.61 10.19 6.13
C SER H 71 27.54 9.72 7.60
N SER H 72 27.55 10.65 8.56
CA SER H 72 27.43 10.29 9.99
C SER H 72 26.34 11.15 10.66
N PHE H 73 25.67 10.61 11.70
CA PHE H 73 24.65 11.38 12.43
C PHE H 73 25.36 12.31 13.43
N ARG H 74 24.82 13.52 13.59
CA ARG H 74 25.44 14.50 14.49
C ARG H 74 24.60 14.85 15.72
N LYS H 75 23.24 14.79 15.60
CA LYS H 75 22.23 15.18 16.61
C LYS H 75 22.21 14.19 17.85
N ASN H 76 23.37 14.03 18.52
CA ASN H 76 23.49 13.26 19.75
C ASN H 76 23.74 14.28 20.85
N TYR H 77 23.15 14.04 22.03
CA TYR H 77 23.33 14.92 23.18
C TYR H 77 23.81 14.05 24.36
N TYR H 78 25.17 13.97 24.49
CA TYR H 78 25.95 13.20 25.47
C TYR H 78 25.39 13.25 26.90
N SER H 79 25.42 12.08 27.56
CA SER H 79 25.05 11.85 28.95
C SER H 79 26.23 11.18 29.65
N LYS H 80 26.59 11.69 30.84
CA LYS H 80 27.69 11.14 31.64
C LYS H 80 27.33 9.75 32.18
N PRO H 81 28.31 8.83 32.38
CA PRO H 81 27.97 7.50 32.93
C PRO H 81 27.50 7.62 34.37
N TRP H 82 26.63 6.71 34.79
CA TRP H 82 26.08 6.74 36.14
C TRP H 82 27.05 6.12 37.13
N SER H 83 27.41 6.91 38.16
CA SER H 83 28.25 6.53 39.28
C SER H 83 27.51 5.47 40.09
N ASN H 84 28.23 4.49 40.67
CA ASN H 84 27.64 3.42 41.48
C ASN H 84 26.73 4.00 42.58
N LYS H 85 27.15 5.13 43.20
CA LYS H 85 26.37 5.80 44.24
C LYS H 85 25.32 6.73 43.64
N GLU H 86 25.52 7.24 42.40
CA GLU H 86 24.49 8.07 41.73
C GLU H 86 23.31 7.18 41.34
N THR H 87 23.61 5.90 40.99
CA THR H 87 22.67 4.84 40.69
C THR H 87 21.89 4.54 41.97
N ASP H 88 22.59 4.53 43.13
CA ASP H 88 21.95 4.37 44.45
C ASP H 88 20.97 5.51 44.68
N MET H 89 21.36 6.76 44.32
CA MET H 89 20.53 7.96 44.43
C MET H 89 19.35 7.90 43.46
N PHE H 90 19.53 7.27 42.29
CA PHE H 90 18.45 7.12 41.32
C PHE H 90 17.35 6.24 41.92
N PHE H 91 17.73 5.09 42.52
CA PHE H 91 16.79 4.16 43.17
C PHE H 91 16.17 4.75 44.43
N LEU H 92 16.81 5.79 45.01
CA LEU H 92 16.26 6.51 46.16
C LEU H 92 15.07 7.34 45.65
N ALA H 93 15.20 7.89 44.41
CA ALA H 93 14.17 8.69 43.77
C ALA H 93 12.92 7.87 43.41
N ILE H 94 13.09 6.59 43.02
CA ILE H 94 11.96 5.68 42.73
C ILE H 94 11.25 5.36 44.05
N SER H 95 12.05 5.22 45.14
CA SER H 95 11.60 4.94 46.49
C SER H 95 10.74 6.09 47.02
N MET H 96 11.22 7.34 46.86
CA MET H 96 10.59 8.57 47.33
C MET H 96 9.42 9.05 46.45
N VAL H 97 9.70 9.28 45.14
CA VAL H 97 8.76 9.79 44.14
C VAL H 97 7.86 8.68 43.59
N GLY H 98 8.45 7.78 42.83
CA GLY H 98 7.77 6.68 42.15
C GLY H 98 8.35 6.54 40.76
N THR H 99 7.48 6.56 39.71
CA THR H 99 7.96 6.48 38.32
C THR H 99 7.71 7.79 37.53
N ASP H 100 7.43 8.90 38.25
CA ASP H 100 7.28 10.23 37.62
C ASP H 100 8.69 10.75 37.32
N PHE H 101 9.20 10.44 36.11
CA PHE H 101 10.56 10.77 35.62
C PHE H 101 10.89 12.26 35.57
N SER H 102 9.89 13.14 35.30
CA SER H 102 10.13 14.57 35.25
C SER H 102 10.46 15.13 36.63
N MET H 103 9.78 14.63 37.68
CA MET H 103 9.97 15.04 39.08
C MET H 103 11.33 14.56 39.54
N ILE H 104 11.74 13.34 39.13
CA ILE H 104 13.03 12.77 39.48
C ILE H 104 14.14 13.58 38.76
N GLY H 105 13.88 14.00 37.52
CA GLY H 105 14.80 14.83 36.75
C GLY H 105 15.02 16.22 37.31
N GLN H 106 14.15 16.63 38.26
CA GLN H 106 14.18 17.89 39.01
C GLN H 106 15.00 17.69 40.27
N LEU H 107 15.07 16.42 40.76
CA LEU H 107 15.86 16.05 41.93
C LEU H 107 17.32 15.96 41.55
N PHE H 108 17.61 15.70 40.26
CA PHE H 108 18.96 15.66 39.71
C PHE H 108 19.18 16.95 38.89
N PRO H 109 20.07 17.86 39.34
CA PRO H 109 20.24 19.14 38.62
C PRO H 109 20.95 19.01 37.27
N HIS H 110 21.88 18.04 37.14
CA HIS H 110 22.66 17.81 35.90
C HIS H 110 22.18 16.58 35.10
N ARG H 111 20.94 16.13 35.34
CA ARG H 111 20.29 15.02 34.63
C ARG H 111 18.90 15.48 34.09
N ALA H 112 18.68 15.34 32.76
CA ALA H 112 17.43 15.71 32.08
C ALA H 112 16.34 14.68 32.33
N ARG H 113 15.10 14.98 31.94
CA ARG H 113 14.02 14.01 32.11
C ARG H 113 14.32 12.68 31.36
N ILE H 114 14.78 12.77 30.08
CA ILE H 114 15.13 11.64 29.20
C ILE H 114 16.21 10.77 29.85
N GLU H 115 17.25 11.39 30.46
CA GLU H 115 18.36 10.71 31.15
C GLU H 115 17.87 9.78 32.25
N ILE H 116 16.79 10.19 32.95
CA ILE H 116 16.14 9.44 34.03
C ILE H 116 15.34 8.28 33.42
N LYS H 117 14.63 8.58 32.33
CA LYS H 117 13.79 7.60 31.61
C LYS H 117 14.70 6.45 31.09
N ASN H 118 15.77 6.83 30.33
CA ASN H 118 16.69 5.87 29.74
C ASN H 118 17.35 5.04 30.87
N LYS H 119 17.80 5.67 31.96
CA LYS H 119 18.40 4.97 33.10
C LYS H 119 17.39 3.94 33.64
N PHE H 120 16.11 4.39 33.86
CA PHE H 120 15.01 3.52 34.30
C PHE H 120 14.85 2.31 33.35
N LYS H 121 14.76 2.57 32.04
CA LYS H 121 14.58 1.54 31.01
C LYS H 121 15.78 0.57 30.90
N ARG H 122 17.01 1.01 31.27
CA ARG H 122 18.24 0.17 31.28
C ARG H 122 18.22 -0.74 32.49
N GLU H 123 17.96 -0.13 33.68
CA GLU H 123 17.86 -0.81 34.97
C GLU H 123 16.75 -1.83 34.89
N GLU H 124 15.61 -1.47 34.28
CA GLU H 124 14.45 -2.33 34.04
C GLU H 124 14.87 -3.67 33.39
N LYS H 125 15.79 -3.59 32.39
CA LYS H 125 16.26 -4.75 31.65
C LYS H 125 17.19 -5.60 32.51
N THR H 126 18.40 -5.07 32.77
CA THR H 126 19.52 -5.71 33.46
C THR H 126 19.27 -6.03 34.95
N ASN H 127 18.64 -5.09 35.71
CA ASN H 127 18.39 -5.29 37.14
C ASN H 127 16.93 -4.98 37.50
N GLY H 128 16.01 -5.80 36.99
CA GLY H 128 14.58 -5.67 37.25
C GLY H 128 14.23 -5.69 38.72
N TRP H 129 14.82 -6.66 39.45
CA TRP H 129 14.67 -6.90 40.90
C TRP H 129 14.85 -5.62 41.75
N ARG H 130 15.68 -4.67 41.28
CA ARG H 130 16.01 -3.44 42.00
C ARG H 130 14.96 -2.36 41.78
N ILE H 131 14.37 -2.31 40.56
CA ILE H 131 13.30 -1.37 40.17
C ILE H 131 12.03 -1.74 40.96
N ASP H 132 11.70 -3.05 41.01
CA ASP H 132 10.54 -3.59 41.71
C ASP H 132 10.65 -3.37 43.22
N LYS H 133 11.84 -3.58 43.80
CA LYS H 133 12.13 -3.40 45.24
C LYS H 133 12.00 -1.93 45.67
N ALA H 134 12.58 -0.98 44.89
CA ALA H 134 12.54 0.46 45.17
C ALA H 134 11.11 1.00 45.13
N PHE H 135 10.26 0.44 44.26
CA PHE H 135 8.87 0.89 44.19
C PHE H 135 8.06 0.32 45.37
N GLN H 136 8.17 -1.00 45.64
CA GLN H 136 7.48 -1.67 46.76
C GLN H 136 7.92 -1.08 48.11
N GLU H 137 9.21 -0.63 48.20
CA GLU H 137 9.79 0.01 49.39
C GLU H 137 9.51 1.51 49.36
N LYS H 138 8.23 1.89 49.58
CA LYS H 138 7.76 3.27 49.64
C LYS H 138 8.53 4.04 50.72
N ARG H 139 8.80 5.33 50.49
CA ARG H 139 9.60 6.14 51.41
C ARG H 139 9.10 7.61 51.45
N PRO H 140 9.10 8.27 52.65
CA PRO H 140 8.68 9.69 52.70
C PRO H 140 9.51 10.56 51.75
N PHE H 141 8.83 11.32 50.89
CA PHE H 141 9.49 12.14 49.89
C PHE H 141 9.98 13.47 50.48
N ASP H 142 11.30 13.53 50.75
CA ASP H 142 12.01 14.71 51.26
C ASP H 142 12.91 15.26 50.17
N PHE H 143 12.45 16.33 49.45
CA PHE H 143 13.18 16.98 48.36
C PHE H 143 14.52 17.52 48.82
N ASP H 144 14.53 18.29 49.94
CA ASP H 144 15.69 18.95 50.53
C ASP H 144 16.81 17.94 50.88
N PHE H 145 16.45 16.84 51.57
CA PHE H 145 17.36 15.76 51.97
C PHE H 145 18.03 15.12 50.76
N PHE H 146 17.26 14.92 49.67
CA PHE H 146 17.74 14.34 48.43
C PHE H 146 18.79 15.25 47.79
N ALA H 147 18.52 16.56 47.70
CA ALA H 147 19.39 17.57 47.10
C ALA H 147 20.75 17.63 47.78
N HIS H 148 20.78 17.74 49.12
CA HIS H 148 22.01 17.81 49.92
C HIS H 148 22.80 16.51 49.81
N LEU H 149 22.10 15.37 49.92
CA LEU H 149 22.72 14.04 49.82
C LEU H 149 23.31 13.81 48.42
N LEU H 150 22.59 14.22 47.35
CA LEU H 150 23.06 14.09 45.97
C LEU H 150 24.29 14.97 45.70
N GLN H 151 24.28 16.23 46.18
CA GLN H 151 25.40 17.17 46.00
C GLN H 151 26.68 16.62 46.65
N LYS H 152 26.53 15.96 47.83
CA LYS H 152 27.65 15.38 48.60
C LYS H 152 28.16 14.07 47.94
N VAL H 153 27.24 13.16 47.53
CA VAL H 153 27.52 11.86 46.88
C VAL H 153 28.30 12.09 45.54
N LEU H 154 27.83 13.06 44.70
CA LEU H 154 28.46 13.43 43.42
C LEU H 154 29.81 14.15 43.61
N ALA H 155 30.07 14.68 44.82
CA ALA H 155 31.32 15.35 45.17
C ALA H 155 32.35 14.31 45.57
N GLU H 156 31.89 13.19 46.22
CA GLU H 156 32.73 12.06 46.60
C GLU H 156 33.24 11.31 45.35
N GLU H 157 32.51 11.43 44.21
CA GLU H 157 32.84 10.79 42.93
C GLU H 157 33.79 11.69 42.10
N GLU H 158 33.79 13.01 42.38
CA GLU H 158 34.71 13.97 41.76
C GLU H 158 36.02 13.98 42.58
N LYS H 159 35.97 13.40 43.80
CA LYS H 159 37.09 13.21 44.73
C LYS H 159 37.86 11.93 44.35
N ARG H 160 37.14 10.81 44.07
CA ARG H 160 37.73 9.53 43.67
C ARG H 160 38.42 9.60 42.28
N LYS H 161 38.09 10.63 41.47
CA LYS H 161 38.69 10.91 40.15
C LYS H 161 40.00 11.70 40.31
N GLN H 162 40.00 12.75 41.15
CA GLN H 162 41.16 13.56 41.51
C GLN H 162 42.20 12.73 42.33
N LYS H 163 41.67 11.81 43.17
CA LYS H 163 42.37 10.87 44.07
C LYS H 163 43.66 11.45 44.68
#